data_8XBE
#
_entry.id   8XBE
#
_cell.length_a   1.00
_cell.length_b   1.00
_cell.length_c   1.00
_cell.angle_alpha   90.00
_cell.angle_beta   90.00
_cell.angle_gamma   90.00
#
_symmetry.space_group_name_H-M   'P 1'
#
loop_
_entity.id
_entity.type
_entity.pdbx_description
1 polymer scFv16
2 polymer 'Guanine nucleotide-binding protein G(i) subunit alpha-1'
3 polymer 'Guanine nucleotide-binding protein G(I)/G(S)/G(T) subunit beta-1'
4 polymer 'Guanine nucleotide-binding protein G(I)/G(S)/G(O) subunit gamma-2'
5 polymer 'Probable G-protein coupled receptor 34'
6 non-polymer '(2~{S})-2-azanyl-3-[[(2~{R})-1-ethoxy-3-[(~{Z})-octadec-9-enoyl]oxy-propan-2-yl]oxy-oxidanyl-phosphoryl]oxy-propanoic acid'
#
loop_
_entity_poly.entity_id
_entity_poly.type
_entity_poly.pdbx_seq_one_letter_code
_entity_poly.pdbx_strand_id
1 'polypeptide(L)'
;DVQLVESGGGLVQPGGSRKLSCSASGFAFSSFGMHWVRQAPEKGLEWVAYISSGSGTIYYADTVKGRFTISRDDPKNTLF
LQMTSLRSEDTAMYYCVRSIYYYGSSPFDFWGQGTTLTVSSGGGGSGGGGSGGGGSDIVMTQATSSVPVTPGESVSISCR
SSKSLLHSNGNTYLYWFLQRPGQSPQLLIYRMSNLASGVPDRFSGSGSGTAFTLTISRLEAEDVGVYYCMQHLEYPLTFG
AGTKLELKAAAASSEDLYFQ
;
S
2 'polypeptide(L)'
;MGCTLSAEDKAAVERSKMIDRNLREDGEKAAREVKLLLLGAGESGKSTIVKQMKIIHEAGYSEEECKQYKAVVYSNTIQS
IIAIIRAMGRLKIDFGDSARADDARQLFVLAGAAEEGFMTAELAGVIKRLWKDSGVQACFNRSREYQLNDSAAYYLNDLD
RIAQPNYIPTQQDVLRTRVKTTGIVETHFTFKDLHFKMFDVGGQRSERKKWIHCFEGVTAIIFCVALSDYDLVLAEDEEM
NRMHESMKLFDSICNNKWFTDTSIILFLNKKDLFEEKIKKSPLTICYPEYAGSNTYEEAAAYIQCQFEDLNKRKDTKEIY
THFTCATDTKNVQFVFDAVTDVIIKNNLKDCGLF
;
B
3 'polypeptide(L)'
;GSQLQSELDQLRQEAEQLKNQIRDARKACADATLSQITNNIDPVGRIQMRTRRTLRGHLAKIYAMHWGTDSRLLVSASQD
GKLIIWDSYTTNKVHAIPLRSSWVMTCAYAPSGNYVACGGLDNICSIYNLKTREGNVRVSRELAGHTGYLSCCRFLDDNQ
IVTSSGDTTCALWDIETGQQTTTFTGHTGDVMSLSLAPDTRLFVSGACDASAKLWDVREGMCRQTFTGHESDINAICFFP
NGNAFATGSDDATCRLFDLRADQELMTYSHDNIICGITSVSFSKSGRLLLAGYDDFNCNVWDALKADRAGVLAGHDNRVS
CLGVTDDGMAVATGSWDSFLKIWN
;
C
4 'polypeptide(L)' MASNNTASIAQARKLVEQLKMEANIDRIKVSKAAADLMAYCEAHAKEDPLLTPVPASENPFREKKFFC D
5 'polypeptide(L)'
;DYKDDDDAMGRSHTITMTTTSVSSWPYSSHRMRFITNHSDQPPQNFSATPNVTTCPMDEKLLSTVLTTSYSVIFIVGLVG
NIIALYVFLGIHRKRNSIQIYLLNVAIADLLLIFCLPFRIMYHINQNKWTLGVILCKVVGTLFYMNMYISIILLGFISLD
RYIKINRSIQQRKAITTKQSIYVCCIVWMLALGGFLTMIILTLKKGGHNSTMCFHYRDKHNAKGEAIFNFILVVMFWLIF
LLIILSYIKIGKNLLRISKRRSKFPNSGKYATTARNSFIVLIIFTICFVPYHAFRFIYISSQLNVSSCYWKEIVHKTNEI
MLVLSSFNSCLDPVMYFLMSSNIRKIMCQLLFRRFQGEPSRSESTSEFKPGYSLHDTSVAVKIQSSSKSTENLYFQ
;
A
#
# COMPACT_ATOMS: atom_id res chain seq x y z
N VAL A 2 -25.64 11.55 -21.30
CA VAL A 2 -24.43 11.64 -22.10
C VAL A 2 -24.73 12.34 -23.41
N GLN A 3 -23.86 13.26 -23.83
CA GLN A 3 -24.08 14.05 -25.03
C GLN A 3 -22.74 14.55 -25.55
N LEU A 4 -22.36 14.13 -26.75
CA LEU A 4 -21.21 14.65 -27.46
C LEU A 4 -21.72 15.48 -28.62
N VAL A 5 -21.33 16.75 -28.67
CA VAL A 5 -21.77 17.68 -29.70
C VAL A 5 -20.55 18.17 -30.45
N GLU A 6 -20.58 18.06 -31.78
CA GLU A 6 -19.46 18.44 -32.62
C GLU A 6 -19.73 19.78 -33.28
N SER A 7 -18.65 20.46 -33.67
CA SER A 7 -18.77 21.72 -34.39
C SER A 7 -17.49 21.94 -35.19
N GLY A 8 -17.60 22.78 -36.22
CA GLY A 8 -16.48 23.12 -37.08
C GLY A 8 -16.64 22.68 -38.52
N GLY A 9 -17.71 21.98 -38.87
CA GLY A 9 -17.90 21.57 -40.25
C GLY A 9 -18.37 22.71 -41.13
N GLY A 10 -18.49 22.40 -42.41
CA GLY A 10 -18.94 23.38 -43.38
C GLY A 10 -18.30 23.15 -44.72
N LEU A 11 -18.40 24.16 -45.58
CA LEU A 11 -17.84 24.12 -46.92
C LEU A 11 -16.51 24.88 -46.93
N VAL A 12 -15.44 24.21 -47.33
CA VAL A 12 -14.12 24.79 -47.31
C VAL A 12 -13.42 24.54 -48.65
N GLN A 13 -12.70 25.56 -49.12
CA GLN A 13 -11.90 25.45 -50.32
C GLN A 13 -10.70 24.53 -50.06
N PRO A 14 -10.19 23.84 -51.09
CA PRO A 14 -9.12 22.89 -50.84
C PRO A 14 -7.76 23.53 -50.61
N GLY A 15 -6.97 22.89 -49.75
CA GLY A 15 -5.75 23.47 -49.26
C GLY A 15 -5.92 24.41 -48.09
N GLY A 16 -7.16 24.67 -47.66
CA GLY A 16 -7.42 25.51 -46.52
C GLY A 16 -7.31 24.75 -45.21
N SER A 17 -7.63 25.46 -44.13
CA SER A 17 -7.53 24.91 -42.78
C SER A 17 -8.83 25.11 -42.02
N ARG A 18 -9.25 24.08 -41.31
CA ARG A 18 -10.40 24.14 -40.41
C ARG A 18 -10.06 23.44 -39.10
N LYS A 19 -10.92 23.63 -38.11
CA LYS A 19 -10.75 23.00 -36.80
C LYS A 19 -12.10 22.44 -36.37
N LEU A 20 -12.11 21.18 -35.98
CA LEU A 20 -13.31 20.50 -35.52
C LEU A 20 -13.29 20.37 -34.01
N SER A 21 -14.34 20.86 -33.37
CA SER A 21 -14.45 20.84 -31.91
C SER A 21 -15.56 19.87 -31.50
N CYS A 22 -15.32 19.15 -30.41
CA CYS A 22 -16.26 18.17 -29.88
C CYS A 22 -16.50 18.53 -28.41
N SER A 23 -17.73 18.95 -28.09
CA SER A 23 -18.08 19.37 -26.74
C SER A 23 -18.74 18.23 -25.99
N ALA A 24 -18.13 17.81 -24.89
CA ALA A 24 -18.63 16.73 -24.06
C ALA A 24 -19.29 17.29 -22.81
N SER A 25 -20.49 16.80 -22.50
CA SER A 25 -21.23 17.28 -21.34
C SER A 25 -22.19 16.18 -20.90
N GLY A 26 -21.84 15.51 -19.80
CA GLY A 26 -22.70 14.46 -19.27
C GLY A 26 -21.97 13.22 -18.82
N PHE A 27 -20.64 13.25 -18.84
CA PHE A 27 -19.84 12.12 -18.41
C PHE A 27 -18.45 12.64 -18.02
N ALA A 28 -17.68 11.77 -17.37
CA ALA A 28 -16.32 12.10 -16.93
C ALA A 28 -15.40 12.07 -18.14
N PHE A 29 -15.28 13.22 -18.82
CA PHE A 29 -14.51 13.29 -20.04
C PHE A 29 -13.04 12.98 -19.81
N SER A 30 -12.48 13.38 -18.67
CA SER A 30 -11.06 13.22 -18.41
C SER A 30 -10.63 11.77 -18.30
N SER A 31 -11.57 10.84 -18.11
CA SER A 31 -11.23 9.43 -17.97
C SER A 31 -11.52 8.61 -19.22
N PHE A 32 -11.96 9.25 -20.30
CA PHE A 32 -12.32 8.57 -21.53
C PHE A 32 -11.37 8.96 -22.64
N GLY A 33 -10.73 7.97 -23.26
CA GLY A 33 -10.06 8.20 -24.52
C GLY A 33 -11.06 8.58 -25.59
N MET A 34 -10.59 9.30 -26.60
CA MET A 34 -11.48 9.85 -27.61
C MET A 34 -10.98 9.53 -29.01
N HIS A 35 -11.88 9.07 -29.86
CA HIS A 35 -11.60 8.78 -31.25
C HIS A 35 -12.31 9.79 -32.14
N TRP A 36 -11.68 10.11 -33.26
CA TRP A 36 -12.33 10.78 -34.37
C TRP A 36 -12.48 9.77 -35.50
N VAL A 37 -13.71 9.57 -35.95
CA VAL A 37 -14.02 8.65 -37.03
C VAL A 37 -14.74 9.45 -38.11
N ARG A 38 -14.63 8.99 -39.35
CA ARG A 38 -15.24 9.71 -40.47
C ARG A 38 -16.01 8.73 -41.34
N GLN A 39 -17.03 9.27 -42.01
CA GLN A 39 -17.83 8.49 -42.93
C GLN A 39 -18.04 9.31 -44.20
N ALA A 40 -17.50 8.80 -45.31
CA ALA A 40 -17.67 9.46 -46.59
C ALA A 40 -19.11 9.27 -47.08
N PRO A 41 -19.58 10.14 -47.99
CA PRO A 41 -20.94 9.99 -48.51
C PRO A 41 -21.19 8.60 -49.09
N GLU A 42 -22.11 7.88 -48.45
CA GLU A 42 -22.50 6.51 -48.79
C GLU A 42 -21.32 5.62 -49.20
N LYS A 43 -20.20 5.73 -48.50
CA LYS A 43 -19.06 4.86 -48.72
C LYS A 43 -18.79 3.92 -47.56
N GLY A 44 -18.61 4.45 -46.36
CA GLY A 44 -18.34 3.62 -45.20
C GLY A 44 -17.55 4.37 -44.16
N LEU A 45 -17.44 3.75 -42.99
CA LEU A 45 -16.74 4.36 -41.87
C LEU A 45 -15.24 4.14 -41.99
N GLU A 46 -14.48 5.14 -41.55
CA GLU A 46 -13.03 5.09 -41.67
C GLU A 46 -12.42 5.85 -40.51
N TRP A 47 -11.64 5.15 -39.68
CA TRP A 47 -11.06 5.75 -38.48
C TRP A 47 -10.06 6.82 -38.85
N VAL A 48 -10.01 7.89 -38.05
CA VAL A 48 -9.20 9.06 -38.33
C VAL A 48 -8.12 9.26 -37.28
N ALA A 49 -8.49 9.32 -36.00
CA ALA A 49 -7.49 9.61 -34.97
C ALA A 49 -7.95 9.07 -33.63
N TYR A 50 -7.01 8.98 -32.69
CA TYR A 50 -7.30 8.54 -31.34
C TYR A 50 -6.35 9.22 -30.36
N ILE A 51 -6.89 9.74 -29.27
CA ILE A 51 -6.11 10.35 -28.21
C ILE A 51 -6.52 9.74 -26.87
N SER A 52 -5.56 9.24 -26.12
CA SER A 52 -5.83 8.49 -24.91
C SER A 52 -6.27 9.41 -23.78
N SER A 53 -6.46 8.84 -22.60
CA SER A 53 -6.80 9.63 -21.42
C SER A 53 -5.59 10.39 -20.92
N GLY A 54 -5.72 11.72 -20.85
CA GLY A 54 -4.60 12.56 -20.51
C GLY A 54 -3.62 12.80 -21.64
N SER A 55 -3.98 12.44 -22.87
CA SER A 55 -3.13 12.63 -24.05
C SER A 55 -1.80 11.89 -23.92
N GLY A 56 -1.79 10.79 -23.17
CA GLY A 56 -0.60 9.99 -23.02
C GLY A 56 -0.20 9.26 -24.29
N THR A 57 -1.20 8.73 -25.00
CA THR A 57 -0.98 7.99 -26.25
C THR A 57 -1.78 8.65 -27.36
N ILE A 58 -1.16 8.77 -28.53
CA ILE A 58 -1.79 9.42 -29.69
C ILE A 58 -1.54 8.56 -30.92
N TYR A 59 -2.61 8.26 -31.65
CA TYR A 59 -2.53 7.42 -32.83
C TYR A 59 -3.27 8.09 -33.99
N TYR A 60 -2.74 7.92 -35.20
CA TYR A 60 -3.33 8.48 -36.40
C TYR A 60 -3.53 7.39 -37.45
N ALA A 61 -4.41 7.68 -38.40
CA ALA A 61 -4.62 6.79 -39.53
C ALA A 61 -3.47 6.90 -40.50
N ASP A 62 -3.21 5.82 -41.25
CA ASP A 62 -2.12 5.83 -42.21
C ASP A 62 -2.34 6.86 -43.31
N THR A 63 -3.59 7.04 -43.74
CA THR A 63 -3.88 7.90 -44.88
C THR A 63 -3.80 9.39 -44.53
N VAL A 64 -3.67 9.74 -43.26
CA VAL A 64 -3.74 11.13 -42.84
C VAL A 64 -2.60 11.52 -41.91
N LYS A 65 -1.80 10.56 -41.43
CA LYS A 65 -0.78 10.83 -40.43
C LYS A 65 0.15 11.94 -40.90
N GLY A 66 0.31 12.96 -40.07
CA GLY A 66 1.11 14.12 -40.40
C GLY A 66 0.35 15.29 -40.96
N ARG A 67 -0.95 15.17 -41.23
CA ARG A 67 -1.73 16.29 -41.72
C ARG A 67 -2.72 16.84 -40.71
N PHE A 68 -3.23 16.02 -39.79
CA PHE A 68 -4.17 16.48 -38.78
C PHE A 68 -3.47 16.61 -37.43
N THR A 69 -4.09 17.38 -36.54
CA THR A 69 -3.61 17.52 -35.18
C THR A 69 -4.76 17.20 -34.22
N ILE A 70 -4.52 16.27 -33.31
CA ILE A 70 -5.50 15.87 -32.31
C ILE A 70 -5.15 16.58 -31.01
N SER A 71 -6.15 17.21 -30.40
CA SER A 71 -5.95 18.02 -29.21
C SER A 71 -7.04 17.72 -28.20
N ARG A 72 -6.71 17.93 -26.92
CA ARG A 72 -7.63 17.65 -25.83
C ARG A 72 -7.58 18.80 -24.83
N ASP A 73 -8.73 19.17 -24.29
CA ASP A 73 -8.84 20.18 -23.24
C ASP A 73 -9.65 19.56 -22.11
N ASP A 74 -8.97 18.80 -21.25
CA ASP A 74 -9.63 18.07 -20.17
C ASP A 74 -10.28 19.02 -19.17
N PRO A 75 -9.64 20.14 -18.79
CA PRO A 75 -10.34 21.12 -17.94
C PRO A 75 -11.72 21.53 -18.45
N LYS A 76 -11.91 21.64 -19.76
CA LYS A 76 -13.16 22.13 -20.31
C LYS A 76 -14.07 21.05 -20.88
N ASN A 77 -13.67 19.78 -20.85
CA ASN A 77 -14.44 18.68 -21.41
C ASN A 77 -14.80 18.95 -22.88
N THR A 78 -13.76 19.18 -23.67
CA THR A 78 -13.90 19.50 -25.09
C THR A 78 -12.78 18.84 -25.86
N LEU A 79 -13.10 18.32 -27.05
CA LEU A 79 -12.14 17.63 -27.90
C LEU A 79 -11.94 18.42 -29.18
N PHE A 80 -10.68 18.46 -29.65
CA PHE A 80 -10.30 19.24 -30.82
C PHE A 80 -9.69 18.34 -31.87
N LEU A 81 -9.89 18.69 -33.15
CA LEU A 81 -9.20 18.06 -34.27
C LEU A 81 -8.85 19.16 -35.26
N GLN A 82 -7.55 19.37 -35.48
CA GLN A 82 -7.06 20.48 -36.30
C GLN A 82 -6.62 19.93 -37.66
N MET A 83 -7.04 20.60 -38.73
CA MET A 83 -6.80 20.15 -40.09
C MET A 83 -5.93 21.17 -40.82
N THR A 84 -4.88 20.69 -41.49
CA THR A 84 -3.98 21.59 -42.20
C THR A 84 -4.26 21.57 -43.71
N SER A 85 -4.19 20.41 -44.33
CA SER A 85 -4.39 20.27 -45.77
C SER A 85 -5.59 19.39 -46.04
N LEU A 86 -6.46 19.84 -46.94
CA LEU A 86 -7.72 19.17 -47.22
C LEU A 86 -7.84 18.91 -48.71
N ARG A 87 -7.90 17.63 -49.08
CA ARG A 87 -8.13 17.24 -50.47
C ARG A 87 -9.64 17.09 -50.70
N SER A 88 -10.01 16.51 -51.84
CA SER A 88 -11.41 16.18 -52.10
C SER A 88 -11.85 14.90 -51.41
N GLU A 89 -10.91 14.10 -50.90
CA GLU A 89 -11.24 12.87 -50.19
C GLU A 89 -11.61 13.10 -48.73
N ASP A 90 -11.39 14.31 -48.21
CA ASP A 90 -11.73 14.59 -46.83
C ASP A 90 -13.19 14.96 -46.63
N THR A 91 -13.96 15.10 -47.71
CA THR A 91 -15.38 15.38 -47.60
C THR A 91 -16.09 14.23 -46.91
N ALA A 92 -16.58 14.47 -45.69
CA ALA A 92 -17.20 13.41 -44.91
C ALA A 92 -17.97 13.95 -43.71
N MET A 93 -18.73 13.07 -43.07
CA MET A 93 -19.33 13.37 -41.77
C MET A 93 -18.38 12.86 -40.69
N TYR A 94 -17.96 13.74 -39.81
CA TYR A 94 -17.03 13.42 -38.74
C TYR A 94 -17.79 13.16 -37.44
N TYR A 95 -17.48 12.05 -36.80
CA TYR A 95 -18.09 11.63 -35.56
C TYR A 95 -17.03 11.57 -34.46
N CYS A 96 -17.37 12.15 -33.31
CA CYS A 96 -16.53 12.18 -32.13
C CYS A 96 -17.03 11.10 -31.19
N VAL A 97 -16.17 10.12 -30.90
CA VAL A 97 -16.56 8.91 -30.18
C VAL A 97 -15.76 8.82 -28.89
N ARG A 98 -16.38 8.31 -27.84
CA ARG A 98 -15.67 8.05 -26.60
C ARG A 98 -15.29 6.58 -26.52
N SER A 99 -14.35 6.28 -25.61
CA SER A 99 -13.84 4.93 -25.46
C SER A 99 -13.10 4.84 -24.13
N ILE A 100 -13.54 3.94 -23.25
CA ILE A 100 -12.85 3.70 -21.99
C ILE A 100 -12.36 2.26 -21.98
N TYR A 101 -11.11 2.06 -21.55
CA TYR A 101 -10.46 0.76 -21.63
C TYR A 101 -10.13 0.28 -20.22
N TYR A 102 -10.82 -0.76 -19.79
CA TYR A 102 -10.42 -1.56 -18.63
C TYR A 102 -11.04 -2.93 -18.80
N TYR A 103 -10.82 -3.80 -17.83
CA TYR A 103 -11.30 -5.17 -17.95
C TYR A 103 -12.83 -5.18 -17.93
N GLY A 104 -13.44 -5.39 -19.10
CA GLY A 104 -14.87 -5.51 -19.21
C GLY A 104 -15.60 -4.29 -19.73
N SER A 105 -14.88 -3.24 -20.11
CA SER A 105 -15.53 -2.03 -20.61
C SER A 105 -16.02 -2.21 -22.03
N SER A 106 -16.99 -1.38 -22.41
CA SER A 106 -17.48 -1.31 -23.77
C SER A 106 -16.84 -0.11 -24.45
N PRO A 107 -15.78 -0.28 -25.22
CA PRO A 107 -14.96 0.86 -25.61
C PRO A 107 -15.43 1.62 -26.84
N PHE A 108 -16.67 1.44 -27.27
CA PHE A 108 -17.24 2.29 -28.31
C PHE A 108 -18.69 2.60 -28.00
N ASP A 109 -18.97 2.86 -26.72
CA ASP A 109 -20.35 2.87 -26.23
C ASP A 109 -21.18 3.96 -26.90
N PHE A 110 -20.70 5.21 -26.86
CA PHE A 110 -21.49 6.34 -27.32
C PHE A 110 -20.80 7.04 -28.48
N TRP A 111 -21.55 7.26 -29.56
CA TRP A 111 -21.08 7.99 -30.72
C TRP A 111 -21.75 9.36 -30.78
N GLY A 112 -20.97 10.37 -31.09
CA GLY A 112 -21.52 11.70 -31.26
C GLY A 112 -22.35 11.80 -32.53
N GLN A 113 -23.09 12.92 -32.63
CA GLN A 113 -23.92 13.12 -33.80
C GLN A 113 -23.10 13.54 -35.03
N GLY A 114 -21.94 14.15 -34.84
CA GLY A 114 -21.04 14.45 -35.93
C GLY A 114 -21.47 15.67 -36.72
N THR A 115 -20.53 16.17 -37.53
CA THR A 115 -20.80 17.31 -38.39
C THR A 115 -20.22 17.05 -39.78
N THR A 116 -20.81 17.67 -40.79
CA THR A 116 -20.38 17.47 -42.17
C THR A 116 -19.30 18.48 -42.56
N LEU A 117 -18.37 18.01 -43.39
CA LEU A 117 -17.31 18.86 -43.93
C LEU A 117 -17.13 18.53 -45.39
N THR A 118 -17.35 19.51 -46.26
CA THR A 118 -17.28 19.33 -47.70
C THR A 118 -16.19 20.22 -48.28
N VAL A 119 -15.47 19.70 -49.27
CA VAL A 119 -14.39 20.40 -49.93
C VAL A 119 -14.70 20.44 -51.42
N SER A 120 -14.60 21.62 -52.02
CA SER A 120 -14.85 21.76 -53.45
C SER A 120 -13.84 20.96 -54.25
N SER A 121 -14.32 20.33 -55.32
CA SER A 121 -13.47 19.51 -56.17
C SER A 121 -12.54 20.38 -57.02
N SER A 136 -0.05 -5.65 -43.66
CA SER A 136 -0.03 -4.52 -42.74
C SER A 136 -1.40 -4.33 -42.08
N ASP A 137 -2.31 -3.68 -42.79
CA ASP A 137 -3.63 -3.43 -42.25
C ASP A 137 -4.52 -4.67 -42.39
N ILE A 138 -5.32 -4.93 -41.36
CA ILE A 138 -6.28 -6.02 -41.42
C ILE A 138 -7.49 -5.56 -42.22
N VAL A 139 -7.98 -6.41 -43.12
CA VAL A 139 -9.06 -6.08 -44.02
C VAL A 139 -10.25 -6.97 -43.71
N MET A 140 -11.41 -6.37 -43.48
CA MET A 140 -12.66 -7.08 -43.28
C MET A 140 -13.56 -6.83 -44.47
N THR A 141 -14.27 -7.87 -44.90
CA THR A 141 -15.18 -7.79 -46.03
C THR A 141 -16.51 -8.43 -45.65
N GLN A 142 -17.60 -7.74 -45.98
CA GLN A 142 -18.94 -8.31 -45.94
C GLN A 142 -19.38 -8.70 -47.36
N ALA A 143 -20.07 -9.83 -47.44
CA ALA A 143 -20.37 -10.42 -48.74
C ALA A 143 -21.36 -9.58 -49.53
N THR A 144 -22.44 -9.12 -48.89
CA THR A 144 -23.52 -8.50 -49.62
C THR A 144 -23.67 -7.03 -49.29
N SER A 145 -24.58 -6.35 -49.99
CA SER A 145 -24.84 -4.93 -49.76
C SER A 145 -26.33 -4.59 -49.70
N SER A 146 -27.22 -5.54 -49.97
CA SER A 146 -28.65 -5.26 -49.92
C SER A 146 -29.37 -6.59 -49.67
N VAL A 147 -29.97 -6.73 -48.49
CA VAL A 147 -30.68 -7.96 -48.13
C VAL A 147 -32.10 -7.62 -47.73
N PRO A 148 -33.10 -7.99 -48.54
CA PRO A 148 -34.50 -7.74 -48.14
C PRO A 148 -35.00 -8.82 -47.20
N VAL A 149 -35.84 -8.41 -46.25
CA VAL A 149 -36.39 -9.33 -45.26
C VAL A 149 -37.64 -8.69 -44.67
N THR A 150 -38.56 -9.53 -44.19
CA THR A 150 -39.81 -9.16 -43.55
C THR A 150 -39.66 -9.25 -42.04
N PRO A 151 -40.26 -8.32 -41.29
CA PRO A 151 -40.17 -8.39 -39.83
C PRO A 151 -40.74 -9.70 -39.30
N GLY A 152 -40.11 -10.20 -38.24
CA GLY A 152 -40.42 -11.51 -37.71
C GLY A 152 -39.57 -12.64 -38.28
N GLU A 153 -38.72 -12.34 -39.26
CA GLU A 153 -37.83 -13.33 -39.87
C GLU A 153 -36.42 -13.12 -39.34
N SER A 154 -35.79 -14.21 -38.89
CA SER A 154 -34.41 -14.13 -38.41
C SER A 154 -33.47 -13.77 -39.55
N VAL A 155 -32.51 -12.91 -39.26
CA VAL A 155 -31.58 -12.40 -40.27
C VAL A 155 -30.16 -12.70 -39.83
N SER A 156 -29.35 -13.23 -40.74
CA SER A 156 -27.96 -13.57 -40.47
C SER A 156 -27.06 -12.74 -41.37
N ILE A 157 -26.06 -12.09 -40.78
CA ILE A 157 -25.07 -11.32 -41.50
C ILE A 157 -23.70 -11.83 -41.10
N SER A 158 -22.72 -11.71 -42.00
CA SER A 158 -21.39 -12.22 -41.74
C SER A 158 -20.33 -11.37 -42.41
N CYS A 159 -19.13 -11.39 -41.85
CA CYS A 159 -17.98 -10.77 -42.47
C CYS A 159 -16.71 -11.52 -42.09
N ARG A 160 -15.69 -11.38 -42.93
CA ARG A 160 -14.44 -12.12 -42.76
C ARG A 160 -13.26 -11.16 -42.75
N SER A 161 -12.22 -11.55 -42.01
CA SER A 161 -11.00 -10.76 -41.87
C SER A 161 -9.80 -11.56 -42.36
N SER A 162 -8.69 -10.86 -42.57
CA SER A 162 -7.47 -11.52 -43.04
C SER A 162 -6.74 -12.19 -41.88
N LYS A 163 -6.29 -11.41 -40.91
CA LYS A 163 -5.63 -11.95 -39.74
C LYS A 163 -6.65 -12.55 -38.78
N SER A 164 -6.17 -13.42 -37.90
CA SER A 164 -7.01 -14.01 -36.87
C SER A 164 -7.03 -13.07 -35.66
N LEU A 165 -8.16 -12.40 -35.46
CA LEU A 165 -8.26 -11.41 -34.39
C LEU A 165 -8.21 -12.03 -33.00
N LEU A 166 -8.34 -13.36 -32.89
CA LEU A 166 -8.30 -14.01 -31.60
C LEU A 166 -6.91 -13.87 -31.00
N HIS A 167 -6.77 -12.97 -30.03
CA HIS A 167 -5.51 -12.73 -29.36
C HIS A 167 -5.18 -13.88 -28.43
N SER A 168 -3.92 -13.91 -27.96
CA SER A 168 -3.52 -14.90 -26.98
C SER A 168 -4.24 -14.72 -25.65
N ASN A 169 -4.82 -13.54 -25.41
CA ASN A 169 -5.55 -13.29 -24.17
C ASN A 169 -6.76 -14.21 -24.00
N GLY A 170 -7.34 -14.66 -25.11
CA GLY A 170 -8.55 -15.45 -25.08
C GLY A 170 -9.76 -14.74 -25.65
N ASN A 171 -9.73 -13.42 -25.78
CA ASN A 171 -10.82 -12.68 -26.37
C ASN A 171 -10.40 -12.09 -27.71
N THR A 172 -11.32 -12.11 -28.67
CA THR A 172 -11.09 -11.62 -30.02
C THR A 172 -11.76 -10.26 -30.18
N TYR A 173 -11.01 -9.30 -30.71
CA TYR A 173 -11.39 -7.89 -30.67
C TYR A 173 -12.18 -7.53 -31.92
N LEU A 174 -13.48 -7.84 -31.90
CA LEU A 174 -14.38 -7.54 -32.99
C LEU A 174 -15.56 -6.73 -32.48
N TYR A 175 -15.95 -5.71 -33.26
CA TYR A 175 -16.96 -4.75 -32.88
C TYR A 175 -18.04 -4.72 -33.96
N TRP A 176 -19.30 -4.69 -33.55
CA TRP A 176 -20.43 -4.62 -34.45
C TRP A 176 -21.24 -3.36 -34.14
N PHE A 177 -21.37 -2.48 -35.14
CA PHE A 177 -22.11 -1.23 -35.05
C PHE A 177 -23.30 -1.26 -36.00
N LEU A 178 -24.35 -0.53 -35.62
CA LEU A 178 -25.53 -0.35 -36.45
C LEU A 178 -25.78 1.13 -36.66
N GLN A 179 -26.03 1.51 -37.91
CA GLN A 179 -26.35 2.89 -38.27
C GLN A 179 -27.72 2.90 -38.92
N ARG A 180 -28.71 3.46 -38.23
CA ARG A 180 -30.04 3.63 -38.80
C ARG A 180 -30.04 4.79 -39.77
N PRO A 181 -30.95 4.78 -40.76
CA PRO A 181 -30.99 5.86 -41.76
C PRO A 181 -31.21 7.22 -41.10
N GLY A 182 -30.30 8.15 -41.36
CA GLY A 182 -30.39 9.48 -40.82
C GLY A 182 -29.89 9.65 -39.40
N GLN A 183 -29.27 8.63 -38.82
CA GLN A 183 -28.80 8.67 -37.44
C GLN A 183 -27.33 8.32 -37.36
N SER A 184 -26.79 8.43 -36.15
CA SER A 184 -25.41 8.08 -35.86
C SER A 184 -25.30 6.60 -35.50
N PRO A 185 -24.12 6.01 -35.66
CA PRO A 185 -23.98 4.58 -35.35
C PRO A 185 -24.21 4.28 -33.88
N GLN A 186 -24.72 3.08 -33.62
CA GLN A 186 -24.94 2.57 -32.28
C GLN A 186 -24.13 1.30 -32.09
N LEU A 187 -23.38 1.24 -30.99
CA LEU A 187 -22.61 0.04 -30.71
C LEU A 187 -23.54 -1.10 -30.34
N LEU A 188 -23.35 -2.25 -31.01
CA LEU A 188 -24.12 -3.45 -30.70
C LEU A 188 -23.30 -4.48 -29.97
N ILE A 189 -22.20 -4.94 -30.57
CA ILE A 189 -21.38 -6.01 -30.00
C ILE A 189 -19.96 -5.48 -29.82
N TYR A 190 -19.29 -5.89 -28.75
CA TYR A 190 -17.91 -5.44 -28.60
C TYR A 190 -16.86 -6.54 -28.54
N ARG A 191 -17.18 -7.80 -28.25
CA ARG A 191 -16.26 -8.87 -28.68
C ARG A 191 -16.94 -9.87 -29.61
N MET A 192 -17.81 -10.76 -29.10
CA MET A 192 -18.66 -11.62 -29.92
C MET A 192 -20.08 -11.71 -29.41
N SER A 193 -20.24 -11.83 -28.09
CA SER A 193 -21.55 -12.17 -27.54
C SER A 193 -21.90 -11.27 -26.36
N ASN A 194 -21.03 -10.34 -26.00
CA ASN A 194 -21.30 -9.40 -24.92
C ASN A 194 -22.11 -8.24 -25.47
N LEU A 195 -23.40 -8.23 -25.15
CA LEU A 195 -24.30 -7.20 -25.65
C LEU A 195 -23.97 -5.86 -25.01
N ALA A 196 -24.15 -4.78 -25.79
CA ALA A 196 -23.94 -3.44 -25.27
C ALA A 196 -25.01 -3.11 -24.23
N SER A 197 -24.92 -1.91 -23.66
CA SER A 197 -25.90 -1.47 -22.68
C SER A 197 -27.02 -0.72 -23.40
N GLY A 198 -28.27 -1.13 -23.13
CA GLY A 198 -29.41 -0.55 -23.79
C GLY A 198 -29.77 -1.18 -25.12
N VAL A 199 -29.16 -2.29 -25.48
CA VAL A 199 -29.42 -2.99 -26.73
C VAL A 199 -30.38 -4.14 -26.44
N PRO A 200 -31.36 -4.40 -27.31
CA PRO A 200 -32.26 -5.55 -27.09
C PRO A 200 -31.52 -6.87 -27.16
N ASP A 201 -32.07 -7.86 -26.44
CA ASP A 201 -31.50 -9.19 -26.32
C ASP A 201 -31.47 -9.92 -27.66
N ARG A 202 -32.39 -9.59 -28.58
CA ARG A 202 -32.54 -10.34 -29.81
C ARG A 202 -31.27 -10.43 -30.64
N PHE A 203 -30.40 -9.42 -30.59
CA PHE A 203 -29.12 -9.48 -31.27
C PHE A 203 -28.22 -10.51 -30.60
N SER A 204 -27.48 -11.26 -31.42
CA SER A 204 -26.47 -12.17 -30.90
C SER A 204 -25.35 -12.26 -31.93
N GLY A 205 -24.17 -12.65 -31.47
CA GLY A 205 -23.01 -12.73 -32.34
C GLY A 205 -22.12 -13.89 -31.96
N SER A 206 -21.37 -14.37 -32.95
CA SER A 206 -20.42 -15.45 -32.73
C SER A 206 -19.42 -15.44 -33.89
N GLY A 207 -18.52 -16.40 -33.87
CA GLY A 207 -17.54 -16.53 -34.93
C GLY A 207 -16.28 -17.18 -34.41
N SER A 208 -15.29 -17.26 -35.30
CA SER A 208 -14.02 -17.89 -34.99
C SER A 208 -12.94 -17.28 -35.89
N GLY A 209 -11.94 -16.68 -35.26
CA GLY A 209 -10.69 -16.36 -35.93
C GLY A 209 -10.82 -15.24 -36.94
N THR A 210 -11.51 -15.54 -38.05
CA THR A 210 -11.68 -14.60 -39.14
C THR A 210 -13.14 -14.50 -39.54
N ALA A 211 -13.89 -15.59 -39.39
CA ALA A 211 -15.26 -15.64 -39.84
C ALA A 211 -16.18 -15.23 -38.70
N PHE A 212 -16.97 -14.17 -38.90
CA PHE A 212 -17.79 -13.61 -37.84
C PHE A 212 -19.22 -13.46 -38.33
N THR A 213 -20.18 -13.81 -37.47
CA THR A 213 -21.58 -13.78 -37.82
C THR A 213 -22.38 -13.07 -36.73
N LEU A 214 -23.40 -12.33 -37.15
CA LEU A 214 -24.35 -11.66 -36.29
C LEU A 214 -25.75 -12.12 -36.68
N THR A 215 -26.51 -12.62 -35.71
CA THR A 215 -27.86 -13.11 -35.94
C THR A 215 -28.87 -12.26 -35.19
N ILE A 216 -30.04 -12.07 -35.81
CA ILE A 216 -31.14 -11.32 -35.24
C ILE A 216 -32.38 -12.20 -35.30
N SER A 217 -33.00 -12.42 -34.14
CA SER A 217 -34.22 -13.21 -34.05
C SER A 217 -35.42 -12.29 -33.82
N ARG A 218 -36.49 -12.54 -34.58
CA ARG A 218 -37.71 -11.74 -34.53
C ARG A 218 -37.40 -10.26 -34.79
N LEU A 219 -36.90 -10.01 -36.00
CA LEU A 219 -36.55 -8.65 -36.42
C LEU A 219 -37.81 -7.78 -36.51
N GLU A 220 -37.66 -6.51 -36.18
CA GLU A 220 -38.74 -5.54 -36.28
C GLU A 220 -38.35 -4.41 -37.22
N ALA A 221 -39.33 -3.55 -37.53
CA ALA A 221 -39.13 -2.52 -38.53
C ALA A 221 -38.11 -1.47 -38.09
N GLU A 222 -37.83 -1.38 -36.79
CA GLU A 222 -36.86 -0.41 -36.30
C GLU A 222 -35.44 -0.97 -36.27
N ASP A 223 -35.24 -2.21 -36.70
CA ASP A 223 -33.92 -2.83 -36.75
C ASP A 223 -33.24 -2.67 -38.11
N VAL A 224 -33.86 -1.95 -39.05
CA VAL A 224 -33.27 -1.77 -40.36
C VAL A 224 -32.16 -0.72 -40.29
N GLY A 225 -31.22 -0.81 -41.22
CA GLY A 225 -30.11 0.10 -41.29
C GLY A 225 -28.91 -0.59 -41.89
N VAL A 226 -27.74 0.00 -41.66
CA VAL A 226 -26.48 -0.51 -42.19
C VAL A 226 -25.64 -1.04 -41.04
N TYR A 227 -25.16 -2.27 -41.18
CA TYR A 227 -24.31 -2.89 -40.18
C TYR A 227 -22.85 -2.81 -40.59
N TYR A 228 -21.98 -2.55 -39.61
CA TYR A 228 -20.54 -2.47 -39.82
C TYR A 228 -19.83 -3.39 -38.83
N CYS A 229 -18.83 -4.11 -39.31
CA CYS A 229 -17.96 -4.91 -38.45
C CYS A 229 -16.55 -4.34 -38.51
N MET A 230 -15.95 -4.16 -37.33
CA MET A 230 -14.67 -3.49 -37.17
C MET A 230 -13.78 -4.35 -36.27
N GLN A 231 -12.47 -4.18 -36.42
CA GLN A 231 -11.51 -4.86 -35.56
C GLN A 231 -10.73 -3.82 -34.76
N HIS A 232 -10.36 -4.15 -33.53
CA HIS A 232 -9.42 -3.26 -32.86
C HIS A 232 -7.99 -3.78 -32.99
N LEU A 233 -7.62 -4.73 -32.12
CA LEU A 233 -6.46 -5.62 -32.23
C LEU A 233 -5.13 -4.91 -32.46
N GLU A 234 -5.17 -3.66 -32.95
CA GLU A 234 -3.99 -3.02 -33.50
C GLU A 234 -4.32 -1.63 -34.01
N TYR A 235 -3.37 -0.79 -34.08
CA TYR A 235 -3.73 0.42 -34.79
C TYR A 235 -3.03 0.46 -36.15
N PRO A 236 -3.65 1.05 -37.18
CA PRO A 236 -4.93 1.75 -37.19
C PRO A 236 -6.14 0.83 -37.14
N LEU A 237 -7.31 1.40 -36.89
CA LEU A 237 -8.57 0.67 -36.90
C LEU A 237 -9.18 0.72 -38.28
N THR A 238 -9.65 -0.43 -38.76
CA THR A 238 -10.27 -0.55 -40.07
C THR A 238 -11.70 -1.03 -39.89
N PHE A 239 -12.60 -0.55 -40.75
CA PHE A 239 -14.00 -0.95 -40.71
C PHE A 239 -14.29 -1.97 -41.80
N GLY A 240 -15.54 -2.44 -41.81
CA GLY A 240 -16.03 -3.26 -42.89
C GLY A 240 -16.59 -2.42 -44.03
N ALA A 241 -17.12 -3.10 -45.03
CA ALA A 241 -17.73 -2.41 -46.16
C ALA A 241 -19.08 -1.81 -45.77
N GLY A 242 -19.81 -2.49 -44.90
CA GLY A 242 -21.12 -2.02 -44.47
C GLY A 242 -22.24 -2.64 -45.29
N THR A 243 -23.13 -3.37 -44.64
CA THR A 243 -24.22 -4.07 -45.33
C THR A 243 -25.55 -3.43 -44.95
N LYS A 244 -26.34 -3.07 -45.95
CA LYS A 244 -27.59 -2.35 -45.75
C LYS A 244 -28.77 -3.31 -45.85
N LEU A 245 -29.62 -3.34 -44.82
CA LEU A 245 -30.85 -4.10 -44.86
C LEU A 245 -31.97 -3.23 -45.42
N GLU A 246 -32.94 -3.88 -46.08
CA GLU A 246 -34.03 -3.18 -46.73
C GLU A 246 -35.37 -3.68 -46.22
N LEU A 247 -36.37 -2.80 -46.27
CA LEU A 247 -37.72 -3.14 -45.86
C LEU A 247 -38.73 -2.20 -46.49
N SER B 6 -3.88 -6.65 -28.24
CA SER B 6 -3.01 -6.16 -27.19
C SER B 6 -3.13 -4.64 -27.05
N ALA B 7 -3.79 -4.01 -28.02
CA ALA B 7 -4.03 -2.58 -27.92
C ALA B 7 -4.94 -2.25 -26.74
N GLU B 8 -5.99 -3.05 -26.54
CA GLU B 8 -6.85 -2.84 -25.38
C GLU B 8 -6.10 -3.08 -24.08
N ASP B 9 -5.25 -4.10 -24.05
CA ASP B 9 -4.42 -4.34 -22.87
C ASP B 9 -3.47 -3.18 -22.61
N LYS B 10 -2.87 -2.64 -23.67
CA LYS B 10 -1.97 -1.50 -23.51
C LYS B 10 -2.71 -0.28 -22.97
N ALA B 11 -3.90 0.00 -23.49
CA ALA B 11 -4.69 1.11 -22.96
C ALA B 11 -5.10 0.87 -21.52
N ALA B 12 -5.41 -0.37 -21.16
CA ALA B 12 -5.71 -0.68 -19.77
C ALA B 12 -4.50 -0.43 -18.87
N VAL B 13 -3.31 -0.81 -19.32
CA VAL B 13 -2.11 -0.57 -18.53
C VAL B 13 -1.84 0.93 -18.40
N GLU B 14 -2.09 1.69 -19.46
CA GLU B 14 -1.90 3.14 -19.39
C GLU B 14 -2.89 3.78 -18.42
N ARG B 15 -4.14 3.32 -18.43
CA ARG B 15 -5.11 3.81 -17.47
C ARG B 15 -4.71 3.45 -16.04
N SER B 16 -4.16 2.24 -15.86
CA SER B 16 -3.67 1.85 -14.53
C SER B 16 -2.55 2.76 -14.08
N LYS B 17 -1.64 3.11 -14.99
CA LYS B 17 -0.54 4.02 -14.63
C LYS B 17 -1.06 5.39 -14.25
N MET B 18 -2.05 5.91 -14.99
CA MET B 18 -2.63 7.21 -14.63
C MET B 18 -3.31 7.14 -13.26
N ILE B 19 -4.07 6.08 -13.01
CA ILE B 19 -4.68 5.90 -11.70
C ILE B 19 -3.61 5.88 -10.62
N ASP B 20 -2.51 5.18 -10.88
CA ASP B 20 -1.44 5.04 -9.88
C ASP B 20 -0.77 6.37 -9.60
N ARG B 21 -0.58 7.21 -10.62
CA ARG B 21 -0.02 8.53 -10.35
C ARG B 21 -1.00 9.36 -9.52
N ASN B 22 -2.30 9.18 -9.75
CA ASN B 22 -3.28 9.86 -8.90
C ASN B 22 -3.17 9.42 -7.44
N LEU B 23 -3.04 8.10 -7.20
CA LEU B 23 -2.89 7.66 -5.81
C LEU B 23 -1.59 8.17 -5.21
N ARG B 24 -0.51 8.21 -5.99
CA ARG B 24 0.75 8.73 -5.46
C ARG B 24 0.61 10.19 -5.06
N GLU B 25 -0.06 11.00 -5.90
CA GLU B 25 -0.25 12.41 -5.56
C GLU B 25 -1.15 12.56 -4.34
N ASP B 26 -2.18 11.73 -4.22
CA ASP B 26 -3.03 11.78 -3.03
C ASP B 26 -2.24 11.40 -1.77
N GLY B 27 -1.34 10.42 -1.89
CA GLY B 27 -0.50 10.08 -0.76
C GLY B 27 0.45 11.20 -0.38
N GLU B 28 0.99 11.91 -1.39
CA GLU B 28 1.79 13.09 -1.11
C GLU B 28 0.99 14.12 -0.34
N LYS B 29 -0.25 14.37 -0.78
CA LYS B 29 -1.10 15.33 -0.09
C LYS B 29 -1.38 14.90 1.35
N ALA B 30 -1.66 13.61 1.55
CA ALA B 30 -2.00 13.12 2.88
C ALA B 30 -0.80 12.98 3.79
N ALA B 31 0.41 12.94 3.25
CA ALA B 31 1.60 12.79 4.08
C ALA B 31 2.03 14.08 4.78
N ARG B 32 1.58 15.23 4.30
CA ARG B 32 1.95 16.52 4.89
C ARG B 32 0.86 17.10 5.77
N GLU B 33 0.09 16.26 6.44
CA GLU B 33 -0.95 16.71 7.36
C GLU B 33 -0.82 15.98 8.69
N VAL B 34 -1.19 16.67 9.75
CA VAL B 34 -0.97 16.20 11.12
C VAL B 34 -2.20 15.46 11.60
N LYS B 35 -1.98 14.32 12.25
CA LYS B 35 -3.06 13.47 12.77
C LYS B 35 -3.00 13.45 14.28
N LEU B 36 -4.08 13.92 14.93
CA LEU B 36 -4.20 13.93 16.37
C LEU B 36 -5.41 13.12 16.77
N LEU B 37 -5.26 12.31 17.81
CA LEU B 37 -6.35 11.49 18.33
C LEU B 37 -6.77 12.08 19.67
N LEU B 38 -7.99 12.63 19.75
CA LEU B 38 -8.45 13.27 20.97
C LEU B 38 -9.06 12.22 21.89
N LEU B 39 -8.59 12.19 23.13
CA LEU B 39 -9.04 11.21 24.10
C LEU B 39 -9.31 11.89 25.43
N GLY B 40 -10.21 11.27 26.20
CA GLY B 40 -10.60 11.83 27.49
C GLY B 40 -11.56 10.89 28.17
N ALA B 41 -12.09 11.35 29.31
CA ALA B 41 -13.04 10.57 30.09
C ALA B 41 -14.48 10.97 29.82
N GLY B 42 -14.73 11.78 28.80
CA GLY B 42 -16.08 12.21 28.47
C GLY B 42 -16.46 13.52 29.11
N GLU B 43 -16.50 13.55 30.45
CA GLU B 43 -16.82 14.76 31.20
C GLU B 43 -15.59 15.61 31.49
N SER B 44 -14.54 15.47 30.69
CA SER B 44 -13.28 16.17 30.89
C SER B 44 -13.20 17.51 30.16
N GLY B 45 -14.33 18.04 29.69
CA GLY B 45 -14.33 19.30 28.98
C GLY B 45 -13.65 19.26 27.64
N LYS B 46 -13.78 18.14 26.92
CA LYS B 46 -13.23 18.04 25.57
C LYS B 46 -14.01 18.91 24.59
N SER B 47 -15.28 19.21 24.90
CA SER B 47 -16.06 20.08 24.04
C SER B 47 -15.48 21.49 23.99
N THR B 48 -15.03 22.00 25.14
CA THR B 48 -14.36 23.30 25.15
C THR B 48 -13.12 23.28 24.27
N ILE B 49 -12.37 22.17 24.29
CA ILE B 49 -11.18 22.02 23.48
C ILE B 49 -11.53 22.08 21.99
N VAL B 50 -12.51 21.28 21.57
CA VAL B 50 -12.84 21.22 20.14
C VAL B 50 -13.43 22.54 19.68
N LYS B 51 -14.13 23.25 20.58
CA LYS B 51 -14.60 24.59 20.26
C LYS B 51 -13.44 25.56 20.11
N GLN B 52 -12.43 25.46 20.98
CA GLN B 52 -11.29 26.37 20.91
C GLN B 52 -10.48 26.17 19.65
N MET B 53 -10.37 24.93 19.16
CA MET B 53 -9.65 24.72 17.90
C MET B 53 -10.32 25.46 16.75
N LYS B 54 -11.65 25.49 16.72
CA LYS B 54 -12.36 26.23 15.68
C LYS B 54 -12.31 27.73 15.96
N THR B 182 -23.21 10.23 13.90
CA THR B 182 -22.51 9.64 15.05
C THR B 182 -21.32 8.83 14.59
N GLY B 183 -20.64 8.19 15.56
CA GLY B 183 -19.49 7.37 15.25
C GLY B 183 -18.17 8.04 15.54
N ILE B 184 -17.48 8.49 14.50
CA ILE B 184 -16.20 9.16 14.62
C ILE B 184 -16.34 10.56 14.02
N VAL B 185 -15.70 11.54 14.65
CA VAL B 185 -15.80 12.94 14.25
C VAL B 185 -14.41 13.43 13.86
N GLU B 186 -14.31 14.06 12.70
CA GLU B 186 -13.07 14.71 12.29
C GLU B 186 -13.23 16.23 12.40
N THR B 187 -12.25 16.88 13.02
CA THR B 187 -12.17 18.32 13.08
C THR B 187 -10.95 18.75 12.26
N HIS B 188 -11.16 19.65 11.31
CA HIS B 188 -10.13 20.07 10.37
C HIS B 188 -9.80 21.53 10.62
N PHE B 189 -8.53 21.84 10.85
CA PHE B 189 -8.19 23.25 11.01
C PHE B 189 -6.74 23.51 10.60
N THR B 190 -6.53 24.67 9.98
CA THR B 190 -5.21 25.09 9.53
C THR B 190 -4.66 26.18 10.44
N PHE B 191 -3.45 25.97 10.95
CA PHE B 191 -2.81 26.92 11.85
C PHE B 191 -1.34 27.01 11.48
N LYS B 192 -0.85 28.24 11.29
CA LYS B 192 0.56 28.49 10.94
C LYS B 192 0.99 27.65 9.74
N ASP B 193 0.15 27.66 8.71
CA ASP B 193 0.39 26.91 7.47
C ASP B 193 0.61 25.42 7.76
N LEU B 194 -0.10 24.88 8.74
CA LEU B 194 -0.06 23.46 9.06
C LEU B 194 -1.48 22.95 9.20
N HIS B 195 -1.79 21.85 8.53
CA HIS B 195 -3.14 21.30 8.47
C HIS B 195 -3.28 20.20 9.52
N PHE B 196 -4.31 20.31 10.35
CA PHE B 196 -4.54 19.42 11.48
C PHE B 196 -5.86 18.70 11.30
N LYS B 197 -5.83 17.37 11.37
CA LYS B 197 -7.02 16.54 11.55
C LYS B 197 -7.01 16.06 12.99
N MET B 198 -8.12 16.24 13.69
CA MET B 198 -8.28 15.75 15.05
C MET B 198 -9.48 14.81 15.08
N PHE B 199 -9.27 13.59 15.56
CA PHE B 199 -10.29 12.55 15.57
C PHE B 199 -10.86 12.42 16.97
N ASP B 200 -12.11 12.82 17.13
CA ASP B 200 -12.86 12.62 18.35
C ASP B 200 -13.66 11.34 18.19
N VAL B 201 -13.34 10.34 19.00
CA VAL B 201 -13.92 9.01 18.87
C VAL B 201 -14.46 8.58 20.23
N GLY B 202 -14.75 9.56 21.09
CA GLY B 202 -15.24 9.26 22.41
C GLY B 202 -16.65 8.71 22.44
N GLY B 203 -17.40 8.85 21.35
CA GLY B 203 -18.78 8.40 21.28
C GLY B 203 -18.92 7.07 20.55
N GLN B 204 -17.92 6.20 20.67
CA GLN B 204 -17.96 4.90 20.01
C GLN B 204 -18.79 3.89 20.82
N ARG B 205 -18.72 3.96 22.15
CA ARG B 205 -19.47 3.08 23.03
C ARG B 205 -19.15 1.61 22.77
N SER B 206 -17.91 1.34 22.37
CA SER B 206 -17.45 -0.01 22.07
C SER B 206 -16.09 -0.22 22.73
N GLU B 207 -15.71 -1.48 22.86
CA GLU B 207 -14.41 -1.82 23.44
C GLU B 207 -13.30 -1.20 22.61
N ARG B 208 -12.37 -0.50 23.26
CA ARG B 208 -11.29 0.15 22.55
C ARG B 208 -10.32 -0.84 21.93
N LYS B 209 -10.27 -2.07 22.44
CA LYS B 209 -9.31 -3.06 21.96
C LYS B 209 -9.50 -3.38 20.48
N LYS B 210 -10.73 -3.24 19.96
CA LYS B 210 -11.02 -3.70 18.61
C LYS B 210 -10.81 -2.65 17.54
N TRP B 211 -10.73 -1.36 17.90
CA TRP B 211 -10.58 -0.30 16.91
C TRP B 211 -9.45 0.68 17.21
N ILE B 212 -8.71 0.49 18.30
CA ILE B 212 -7.64 1.43 18.63
C ILE B 212 -6.49 1.30 17.62
N HIS B 213 -6.21 0.09 17.15
CA HIS B 213 -5.09 -0.12 16.23
C HIS B 213 -5.26 0.64 14.94
N CYS B 214 -6.47 1.07 14.61
CA CYS B 214 -6.68 1.87 13.41
C CYS B 214 -6.00 3.23 13.49
N PHE B 215 -5.57 3.64 14.69
CA PHE B 215 -4.89 4.92 14.87
C PHE B 215 -3.40 4.77 15.12
N GLU B 216 -2.85 3.57 14.95
CA GLU B 216 -1.42 3.37 15.10
C GLU B 216 -0.69 4.12 13.98
N GLY B 217 -0.08 5.25 14.32
CA GLY B 217 0.61 6.05 13.33
C GLY B 217 0.19 7.49 13.31
N VAL B 218 -0.69 7.87 14.24
CA VAL B 218 -1.10 9.26 14.34
C VAL B 218 0.08 10.10 14.82
N THR B 219 0.09 11.38 14.46
CA THR B 219 1.17 12.25 14.89
C THR B 219 1.18 12.40 16.40
N ALA B 220 0.01 12.58 17.02
CA ALA B 220 -0.02 12.75 18.46
C ALA B 220 -1.38 12.35 19.01
N ILE B 221 -1.41 12.11 20.32
CA ILE B 221 -2.64 11.83 21.06
C ILE B 221 -2.88 13.01 22.00
N ILE B 222 -3.97 13.73 21.79
CA ILE B 222 -4.34 14.85 22.64
C ILE B 222 -5.24 14.31 23.75
N PHE B 223 -4.67 14.14 24.94
CA PHE B 223 -5.41 13.66 26.10
C PHE B 223 -5.92 14.84 26.89
N CYS B 224 -7.13 14.71 27.44
CA CYS B 224 -7.74 15.77 28.24
C CYS B 224 -8.16 15.19 29.59
N VAL B 225 -7.77 15.87 30.67
CA VAL B 225 -8.17 15.49 32.02
C VAL B 225 -8.72 16.72 32.72
N ALA B 226 -9.88 16.59 33.35
CA ALA B 226 -10.45 17.66 34.15
C ALA B 226 -9.81 17.67 35.54
N LEU B 227 -9.48 18.85 36.01
CA LEU B 227 -8.94 19.01 37.36
C LEU B 227 -10.03 19.17 38.42
N SER B 228 -11.28 19.38 38.01
CA SER B 228 -12.35 19.61 38.97
C SER B 228 -12.82 18.32 39.64
N ASP B 229 -12.68 17.17 38.97
CA ASP B 229 -13.25 15.93 39.44
C ASP B 229 -12.30 15.14 40.35
N TYR B 230 -11.37 15.82 41.03
CA TYR B 230 -10.51 15.12 41.98
C TYR B 230 -11.32 14.57 43.15
N ASP B 231 -12.40 15.26 43.53
CA ASP B 231 -13.29 14.79 44.59
C ASP B 231 -14.61 14.26 44.06
N LEU B 232 -15.07 14.76 42.91
CA LEU B 232 -16.33 14.31 42.35
C LEU B 232 -16.24 12.85 41.89
N VAL B 233 -17.34 12.14 42.05
CA VAL B 233 -17.42 10.74 41.67
C VAL B 233 -18.40 10.58 40.52
N LEU B 234 -18.30 9.46 39.83
CA LEU B 234 -19.17 9.18 38.69
C LEU B 234 -20.43 8.44 39.14
N GLU B 239 -18.88 4.90 44.75
CA GLU B 239 -17.87 4.01 44.22
C GLU B 239 -16.47 4.62 44.34
N MET B 240 -16.00 5.24 43.26
CA MET B 240 -14.71 5.89 43.22
C MET B 240 -14.82 7.22 42.49
N ASN B 241 -13.89 8.12 42.77
CA ASN B 241 -13.89 9.42 42.12
C ASN B 241 -13.48 9.30 40.66
N ARG B 242 -13.80 10.35 39.89
CA ARG B 242 -13.52 10.33 38.46
C ARG B 242 -12.03 10.54 38.15
N MET B 243 -11.28 11.18 39.03
CA MET B 243 -9.87 11.42 38.76
C MET B 243 -9.08 10.12 38.71
N HIS B 244 -9.39 9.17 39.61
CA HIS B 244 -8.73 7.87 39.54
C HIS B 244 -9.09 7.12 38.27
N GLU B 245 -10.33 7.23 37.82
CA GLU B 245 -10.73 6.61 36.56
C GLU B 245 -9.95 7.23 35.40
N SER B 246 -9.79 8.55 35.42
CA SER B 246 -9.00 9.22 34.39
C SER B 246 -7.55 8.76 34.43
N MET B 247 -6.99 8.60 35.62
CA MET B 247 -5.62 8.11 35.72
C MET B 247 -5.49 6.71 35.16
N LYS B 248 -6.45 5.83 35.46
CA LYS B 248 -6.42 4.49 34.90
C LYS B 248 -6.52 4.49 33.39
N LEU B 249 -7.41 5.32 32.84
CA LEU B 249 -7.58 5.36 31.39
C LEU B 249 -6.33 5.93 30.71
N PHE B 250 -5.73 6.94 31.34
CA PHE B 250 -4.48 7.51 30.81
C PHE B 250 -3.35 6.48 30.84
N ASP B 251 -3.27 5.70 31.92
CA ASP B 251 -2.27 4.64 31.98
C ASP B 251 -2.51 3.60 30.89
N SER B 252 -3.78 3.25 30.66
CA SER B 252 -4.09 2.27 29.61
C SER B 252 -3.72 2.79 28.23
N ILE B 253 -4.03 4.05 27.93
CA ILE B 253 -3.73 4.60 26.61
C ILE B 253 -2.22 4.79 26.43
N CYS B 254 -1.55 5.34 27.43
CA CYS B 254 -0.12 5.64 27.30
C CYS B 254 0.70 4.36 27.17
N ASN B 255 0.37 3.32 27.93
CA ASN B 255 1.11 2.08 27.91
C ASN B 255 0.49 1.08 26.93
N ASN B 256 -0.33 1.56 26.00
CA ASN B 256 -0.95 0.67 25.02
C ASN B 256 0.12 0.11 24.10
N LYS B 257 -0.08 -1.14 23.67
CA LYS B 257 0.91 -1.81 22.82
C LYS B 257 1.10 -1.07 21.51
N TRP B 258 0.03 -0.59 20.89
CA TRP B 258 0.11 0.02 19.58
C TRP B 258 0.72 1.42 19.60
N PHE B 259 0.82 2.05 20.77
CA PHE B 259 1.35 3.40 20.89
C PHE B 259 2.69 3.31 21.62
N THR B 260 3.75 3.08 20.87
CA THR B 260 5.11 3.08 21.38
C THR B 260 5.89 4.32 21.01
N ASP B 261 5.75 4.78 19.76
CA ASP B 261 6.44 5.98 19.29
C ASP B 261 5.48 7.15 19.11
N THR B 262 4.29 7.09 19.70
CA THR B 262 3.30 8.14 19.56
C THR B 262 3.28 9.00 20.82
N SER B 263 3.50 10.30 20.64
CA SER B 263 3.60 11.23 21.75
C SER B 263 2.22 11.69 22.19
N ILE B 264 2.16 12.24 23.42
CA ILE B 264 0.92 12.64 24.05
C ILE B 264 1.01 14.12 24.40
N ILE B 265 0.00 14.87 24.00
CA ILE B 265 -0.19 16.26 24.43
C ILE B 265 -1.28 16.25 25.49
N LEU B 266 -0.91 16.54 26.73
CA LEU B 266 -1.82 16.42 27.85
C LEU B 266 -2.40 17.79 28.21
N PHE B 267 -3.70 17.85 28.40
CA PHE B 267 -4.41 19.07 28.75
C PHE B 267 -5.06 18.89 30.11
N LEU B 268 -5.01 19.93 30.94
CA LEU B 268 -5.63 19.93 32.25
C LEU B 268 -6.69 21.03 32.26
N ASN B 269 -7.93 20.66 32.51
CA ASN B 269 -9.08 21.54 32.36
C ASN B 269 -9.55 22.07 33.72
N LYS B 270 -10.42 23.07 33.66
CA LYS B 270 -11.04 23.68 34.83
C LYS B 270 -9.97 24.25 35.78
N LYS B 271 -9.14 25.15 35.23
CA LYS B 271 -8.09 25.77 36.03
C LYS B 271 -8.68 26.62 37.15
N ASP B 272 -9.58 27.54 36.80
CA ASP B 272 -10.16 28.43 37.80
C ASP B 272 -11.07 27.69 38.76
N LEU B 273 -11.87 26.74 38.24
CA LEU B 273 -12.74 25.96 39.11
C LEU B 273 -11.94 25.13 40.10
N PHE B 274 -10.83 24.53 39.64
CA PHE B 274 -9.99 23.75 40.55
C PHE B 274 -9.32 24.65 41.57
N GLU B 275 -8.89 25.85 41.16
CA GLU B 275 -8.29 26.77 42.12
C GLU B 275 -9.29 27.20 43.17
N GLU B 276 -10.54 27.45 42.77
CA GLU B 276 -11.56 27.88 43.72
C GLU B 276 -12.00 26.74 44.64
N LYS B 277 -12.08 25.52 44.12
CA LYS B 277 -12.66 24.43 44.90
C LYS B 277 -11.77 24.01 46.06
N ILE B 278 -10.44 24.02 45.87
CA ILE B 278 -9.54 23.57 46.92
C ILE B 278 -9.53 24.48 48.13
N LYS B 279 -10.11 25.67 48.03
CA LYS B 279 -10.19 26.57 49.18
C LYS B 279 -10.99 25.97 50.33
N LYS B 280 -11.95 25.09 50.04
CA LYS B 280 -12.74 24.43 51.05
C LYS B 280 -12.62 22.91 51.03
N SER B 281 -12.19 22.32 49.92
CA SER B 281 -12.01 20.87 49.82
C SER B 281 -10.53 20.55 49.83
N PRO B 282 -10.00 19.93 50.89
CA PRO B 282 -8.59 19.56 50.89
C PRO B 282 -8.29 18.47 49.88
N LEU B 283 -7.06 18.49 49.36
CA LEU B 283 -6.65 17.47 48.41
C LEU B 283 -6.44 16.11 49.06
N THR B 284 -6.46 16.04 50.39
CA THR B 284 -6.36 14.76 51.07
C THR B 284 -7.57 13.89 50.79
N ILE B 285 -8.68 14.50 50.36
CA ILE B 285 -9.88 13.73 50.02
C ILE B 285 -9.58 12.75 48.90
N CYS B 286 -8.86 13.21 47.87
CA CYS B 286 -8.52 12.34 46.75
C CYS B 286 -7.29 11.49 47.06
N TYR B 287 -6.19 12.14 47.44
CA TYR B 287 -4.94 11.44 47.69
C TYR B 287 -4.61 11.50 49.18
N PRO B 288 -4.56 10.37 49.88
CA PRO B 288 -4.24 10.41 51.32
C PRO B 288 -2.76 10.53 51.62
N GLU B 289 -1.87 10.27 50.65
CA GLU B 289 -0.45 10.39 50.89
C GLU B 289 0.11 11.77 50.52
N TYR B 290 -0.74 12.69 50.09
CA TYR B 290 -0.28 14.02 49.74
C TYR B 290 0.13 14.80 50.99
N ALA B 291 1.15 15.65 50.83
CA ALA B 291 1.63 16.50 51.92
C ALA B 291 1.98 17.85 51.32
N GLY B 292 1.05 18.79 51.40
CA GLY B 292 1.28 20.12 50.85
C GLY B 292 0.09 21.02 51.15
N SER B 293 0.32 22.31 50.95
CA SER B 293 -0.71 23.30 51.22
C SER B 293 -1.80 23.23 50.14
N ASN B 294 -2.99 23.73 50.49
CA ASN B 294 -4.13 23.74 49.57
C ASN B 294 -4.04 24.99 48.69
N THR B 295 -2.92 25.09 47.98
CA THR B 295 -2.68 26.16 47.02
C THR B 295 -2.76 25.59 45.62
N TYR B 296 -3.01 26.48 44.65
CA TYR B 296 -3.19 26.05 43.27
C TYR B 296 -1.90 25.46 42.70
N GLU B 297 -0.78 26.12 42.94
CA GLU B 297 0.47 25.73 42.28
C GLU B 297 0.93 24.35 42.75
N GLU B 298 0.96 24.13 44.07
CA GLU B 298 1.43 22.85 44.59
C GLU B 298 0.54 21.71 44.13
N ALA B 299 -0.78 21.89 44.20
CA ALA B 299 -1.69 20.83 43.78
C ALA B 299 -1.57 20.55 42.29
N ALA B 300 -1.47 21.60 41.47
CA ALA B 300 -1.31 21.42 40.04
C ALA B 300 -0.03 20.67 39.71
N ALA B 301 1.07 21.04 40.36
CA ALA B 301 2.34 20.34 40.14
C ALA B 301 2.24 18.88 40.58
N TYR B 302 1.57 18.62 41.70
CA TYR B 302 1.42 17.25 42.18
C TYR B 302 0.61 16.42 41.18
N ILE B 303 -0.47 16.99 40.65
CA ILE B 303 -1.28 16.27 39.68
C ILE B 303 -0.48 15.98 38.41
N GLN B 304 0.27 16.98 37.93
CA GLN B 304 1.08 16.79 36.73
C GLN B 304 2.13 15.70 36.95
N CYS B 305 2.79 15.72 38.10
CA CYS B 305 3.79 14.68 38.39
C CYS B 305 3.15 13.31 38.52
N GLN B 306 1.95 13.24 39.12
CA GLN B 306 1.27 11.96 39.24
C GLN B 306 0.93 11.38 37.88
N PHE B 307 0.45 12.22 36.96
CA PHE B 307 0.22 11.75 35.59
C PHE B 307 1.52 11.32 34.93
N GLU B 308 2.60 12.07 35.17
CA GLU B 308 3.89 11.73 34.56
C GLU B 308 4.38 10.37 35.03
N ASP B 309 4.23 10.07 36.32
CA ASP B 309 4.81 8.86 36.88
C ASP B 309 4.19 7.58 36.32
N LEU B 310 2.97 7.64 35.80
CA LEU B 310 2.36 6.45 35.21
C LEU B 310 3.07 6.01 33.93
N ASN B 311 3.74 6.93 33.25
CA ASN B 311 4.50 6.57 32.06
C ASN B 311 5.74 5.78 32.47
N LYS B 312 5.94 4.63 31.84
CA LYS B 312 7.14 3.84 32.07
C LYS B 312 8.01 3.67 30.83
N ARG B 313 7.57 4.13 29.67
CA ARG B 313 8.42 4.21 28.49
C ARG B 313 8.94 5.65 28.36
N LYS B 314 9.74 6.04 29.35
CA LYS B 314 10.16 7.44 29.45
C LYS B 314 11.28 7.79 28.48
N ASP B 315 11.98 6.79 27.92
CA ASP B 315 13.11 7.05 27.05
C ASP B 315 12.72 7.20 25.59
N THR B 316 11.60 6.62 25.16
CA THR B 316 11.16 6.77 23.78
C THR B 316 10.28 8.00 23.60
N LYS B 317 9.17 8.05 24.33
CA LYS B 317 8.22 9.15 24.25
C LYS B 317 8.08 9.82 25.62
N GLU B 318 7.43 10.99 25.61
CA GLU B 318 7.21 11.73 26.83
C GLU B 318 5.82 12.35 26.81
N ILE B 319 5.36 12.76 27.98
CA ILE B 319 4.06 13.40 28.15
C ILE B 319 4.29 14.91 28.17
N TYR B 320 3.52 15.64 27.38
CA TYR B 320 3.70 17.07 27.22
C TYR B 320 2.50 17.78 27.86
N THR B 321 2.65 18.13 29.13
CA THR B 321 1.54 18.62 29.94
C THR B 321 1.32 20.10 29.71
N HIS B 322 0.05 20.52 29.76
CA HIS B 322 -0.32 21.91 29.62
C HIS B 322 -1.58 22.17 30.44
N PHE B 323 -1.69 23.40 30.96
CA PHE B 323 -2.85 23.84 31.72
C PHE B 323 -3.68 24.76 30.84
N THR B 324 -4.95 24.41 30.64
CA THR B 324 -5.78 25.10 29.67
C THR B 324 -6.12 26.52 30.11
N CYS B 325 -6.06 27.45 29.17
CA CYS B 325 -6.46 28.83 29.39
C CYS B 325 -7.61 29.18 28.45
N ALA B 326 -8.36 30.21 28.81
CA ALA B 326 -9.57 30.55 28.07
C ALA B 326 -9.32 31.61 27.00
N THR B 327 -8.87 32.80 27.40
CA THR B 327 -8.80 33.94 26.49
C THR B 327 -7.45 34.10 25.81
N ASP B 328 -6.45 33.30 26.17
CA ASP B 328 -5.13 33.45 25.57
C ASP B 328 -5.00 32.75 24.23
N THR B 329 -5.92 31.84 23.90
CA THR B 329 -5.83 31.00 22.70
C THR B 329 -4.48 30.31 22.61
N LYS B 330 -4.03 29.79 23.75
CA LYS B 330 -2.73 29.16 23.87
C LYS B 330 -2.77 27.65 23.76
N ASN B 331 -3.94 27.02 23.89
CA ASN B 331 -4.03 25.58 23.72
C ASN B 331 -3.63 25.17 22.31
N VAL B 332 -4.10 25.92 21.31
CA VAL B 332 -3.71 25.66 19.93
C VAL B 332 -2.22 25.88 19.75
N GLN B 333 -1.68 26.94 20.38
CA GLN B 333 -0.25 27.22 20.27
C GLN B 333 0.58 26.10 20.91
N PHE B 334 0.16 25.61 22.07
CA PHE B 334 0.87 24.52 22.70
C PHE B 334 0.80 23.26 21.86
N VAL B 335 -0.37 22.98 21.28
CA VAL B 335 -0.50 21.81 20.41
C VAL B 335 0.43 21.93 19.22
N PHE B 336 0.49 23.13 18.61
CA PHE B 336 1.36 23.35 17.47
C PHE B 336 2.82 23.16 17.84
N ASP B 337 3.24 23.69 18.99
CA ASP B 337 4.62 23.52 19.44
C ASP B 337 4.94 22.05 19.68
N ALA B 338 4.03 21.33 20.32
CA ALA B 338 4.29 19.93 20.64
C ALA B 338 4.37 19.07 19.37
N VAL B 339 3.47 19.32 18.42
CA VAL B 339 3.52 18.53 17.19
C VAL B 339 4.75 18.90 16.36
N THR B 340 5.16 20.17 16.39
CA THR B 340 6.40 20.54 15.71
C THR B 340 7.59 19.83 16.34
N ASP B 341 7.62 19.77 17.67
CA ASP B 341 8.68 19.03 18.35
C ASP B 341 8.68 17.57 17.94
N VAL B 342 7.49 16.96 17.87
CA VAL B 342 7.41 15.56 17.46
C VAL B 342 7.91 15.37 16.04
N ILE B 343 7.53 16.27 15.12
CA ILE B 343 7.95 16.16 13.73
C ILE B 343 9.46 16.26 13.62
N ILE B 344 10.05 17.24 14.31
CA ILE B 344 11.51 17.39 14.26
C ILE B 344 12.19 16.19 14.87
N LYS B 345 11.62 15.63 15.94
CA LYS B 345 12.21 14.44 16.55
C LYS B 345 12.19 13.26 15.59
N ASN B 346 11.08 13.07 14.86
CA ASN B 346 11.03 11.99 13.89
C ASN B 346 12.03 12.22 12.75
N ASN B 347 12.19 13.46 12.29
CA ASN B 347 13.18 13.73 11.26
C ASN B 347 14.59 13.41 11.75
N LEU B 348 14.92 13.84 12.96
CA LEU B 348 16.26 13.57 13.49
C LEU B 348 16.49 12.07 13.68
N LYS B 349 15.46 11.35 14.14
CA LYS B 349 15.59 9.90 14.30
C LYS B 349 15.81 9.23 12.94
N ASP B 350 15.08 9.68 11.92
CA ASP B 350 15.25 9.11 10.59
C ASP B 350 16.64 9.39 10.03
N CYS B 351 17.16 10.60 10.25
CA CYS B 351 18.45 10.99 9.69
C CYS B 351 19.61 10.24 10.30
N GLY B 352 19.37 9.52 11.39
CA GLY B 352 20.41 8.72 12.00
C GLY B 352 21.35 9.52 12.89
N LEU B 353 21.38 10.84 12.69
CA LEU B 353 22.21 11.70 13.53
C LEU B 353 21.77 11.62 14.98
N PHE B 354 20.47 11.66 15.23
CA PHE B 354 19.93 11.45 16.56
C PHE B 354 19.85 9.97 16.87
N ASP C 9 -34.02 -15.27 42.57
CA ASP C 9 -34.21 -15.08 41.13
C ASP C 9 -34.72 -16.37 40.47
N GLN C 10 -35.46 -16.20 39.38
CA GLN C 10 -36.06 -17.33 38.67
C GLN C 10 -35.52 -17.47 37.25
N LEU C 11 -35.39 -16.37 36.52
CA LEU C 11 -34.93 -16.44 35.14
C LEU C 11 -33.52 -16.99 35.04
N ARG C 12 -32.64 -16.60 35.97
CA ARG C 12 -31.26 -17.10 35.94
C ARG C 12 -31.22 -18.61 36.13
N GLN C 13 -32.01 -19.13 37.07
CA GLN C 13 -32.05 -20.56 37.31
C GLN C 13 -32.58 -21.31 36.08
N GLU C 14 -33.63 -20.78 35.45
CA GLU C 14 -34.19 -21.42 34.26
C GLU C 14 -33.18 -21.45 33.13
N ALA C 15 -32.50 -20.33 32.88
CA ALA C 15 -31.50 -20.30 31.82
C ALA C 15 -30.35 -21.26 32.11
N GLU C 16 -29.87 -21.28 33.37
CA GLU C 16 -28.78 -22.17 33.72
C GLU C 16 -29.16 -23.62 33.55
N GLN C 17 -30.37 -24.00 34.00
CA GLN C 17 -30.76 -25.39 33.88
C GLN C 17 -30.98 -25.79 32.42
N LEU C 18 -31.58 -24.91 31.62
CA LEU C 18 -31.75 -25.21 30.20
C LEU C 18 -30.40 -25.41 29.52
N LYS C 19 -29.44 -24.54 29.83
CA LYS C 19 -28.08 -24.74 29.35
C LYS C 19 -27.54 -26.09 29.80
N ASN C 20 -27.85 -26.49 31.03
CA ASN C 20 -27.36 -27.76 31.55
C ASN C 20 -27.89 -28.93 30.74
N GLN C 21 -29.21 -28.97 30.51
CA GLN C 21 -29.75 -30.11 29.74
C GLN C 21 -29.29 -30.09 28.29
N ILE C 22 -29.20 -28.92 27.65
CA ILE C 22 -28.78 -28.92 26.26
C ILE C 22 -27.30 -29.33 26.15
N ARG C 23 -26.47 -28.89 27.09
CA ARG C 23 -25.07 -29.31 27.12
C ARG C 23 -24.96 -30.81 27.34
N ASP C 24 -25.73 -31.36 28.27
CA ASP C 24 -25.68 -32.79 28.53
C ASP C 24 -26.13 -33.58 27.31
N ALA C 25 -27.21 -33.14 26.66
CA ALA C 25 -27.71 -33.85 25.48
C ALA C 25 -26.70 -33.81 24.35
N ARG C 26 -26.06 -32.65 24.14
CA ARG C 26 -25.08 -32.54 23.07
C ARG C 26 -23.84 -33.38 23.37
N LYS C 27 -23.44 -33.44 24.64
CA LYS C 27 -22.26 -34.23 25.01
C LYS C 27 -22.53 -35.73 24.88
N ALA C 28 -23.71 -36.17 25.33
CA ALA C 28 -24.00 -37.61 25.35
C ALA C 28 -24.11 -38.16 23.93
N CYS C 29 -24.56 -37.35 22.98
CA CYS C 29 -24.76 -37.80 21.61
C CYS C 29 -23.49 -37.76 20.77
N ALA C 30 -22.38 -37.31 21.33
CA ALA C 30 -21.12 -37.31 20.59
C ALA C 30 -20.61 -38.74 20.44
N ASP C 31 -20.44 -39.18 19.18
CA ASP C 31 -20.00 -40.55 18.94
C ASP C 31 -18.49 -40.65 18.89
N ALA C 32 -17.85 -39.93 17.97
CA ALA C 32 -16.40 -39.98 17.83
C ALA C 32 -15.92 -38.68 17.22
N THR C 33 -14.64 -38.39 17.44
CA THR C 33 -14.04 -37.17 16.91
C THR C 33 -13.83 -37.30 15.40
N LEU C 34 -13.64 -36.14 14.75
CA LEU C 34 -13.39 -36.14 13.31
C LEU C 34 -12.12 -36.93 12.97
N SER C 35 -11.06 -36.73 13.74
CA SER C 35 -9.82 -37.47 13.50
C SER C 35 -10.05 -38.96 13.63
N GLN C 36 -10.88 -39.38 14.58
CA GLN C 36 -11.11 -40.80 14.82
C GLN C 36 -11.59 -41.52 13.56
N ILE C 37 -12.30 -40.82 12.67
CA ILE C 37 -12.73 -41.41 11.41
C ILE C 37 -11.75 -41.09 10.28
N THR C 38 -11.28 -39.86 10.18
CA THR C 38 -10.52 -39.43 9.01
C THR C 38 -9.02 -39.72 9.12
N ASN C 39 -8.57 -40.38 10.19
CA ASN C 39 -7.15 -40.70 10.31
C ASN C 39 -6.69 -41.63 9.19
N ASN C 40 -7.60 -42.46 8.67
CA ASN C 40 -7.23 -43.47 7.68
C ASN C 40 -6.79 -42.88 6.35
N ILE C 41 -7.36 -41.76 5.93
CA ILE C 41 -7.06 -41.19 4.62
C ILE C 41 -5.64 -40.61 4.63
N ASP C 42 -4.94 -40.74 3.51
CA ASP C 42 -3.57 -40.28 3.42
C ASP C 42 -3.49 -38.76 3.52
N PRO C 43 -2.38 -38.23 4.04
CA PRO C 43 -2.25 -36.78 4.18
C PRO C 43 -1.96 -36.08 2.86
N VAL C 44 -1.68 -34.78 2.91
CA VAL C 44 -1.35 -33.99 1.74
C VAL C 44 0.14 -33.72 1.61
N GLY C 45 0.89 -33.79 2.72
CA GLY C 45 2.32 -33.64 2.64
C GLY C 45 2.74 -32.19 2.71
N ARG C 46 3.56 -31.76 1.75
CA ARG C 46 4.09 -30.41 1.70
C ARG C 46 3.48 -29.70 0.49
N ILE C 47 2.88 -28.53 0.73
CA ILE C 47 2.27 -27.74 -0.33
C ILE C 47 3.15 -26.50 -0.51
N GLN C 48 3.76 -26.40 -1.69
CA GLN C 48 4.59 -25.24 -2.02
C GLN C 48 3.76 -24.21 -2.77
N MET C 49 3.65 -23.03 -2.20
CA MET C 49 2.99 -21.90 -2.83
C MET C 49 3.95 -20.73 -2.94
N ARG C 50 3.87 -20.00 -4.04
CA ARG C 50 4.77 -18.89 -4.30
C ARG C 50 3.95 -17.69 -4.78
N THR C 51 4.42 -16.49 -4.46
CA THR C 51 3.70 -15.28 -4.85
C THR C 51 3.82 -15.10 -6.36
N ARG C 52 2.76 -15.50 -7.07
CA ARG C 52 2.74 -15.31 -8.51
C ARG C 52 2.71 -13.83 -8.88
N ARG C 53 1.78 -13.08 -8.31
CA ARG C 53 1.66 -11.65 -8.54
C ARG C 53 1.67 -10.94 -7.19
N THR C 54 2.19 -9.71 -7.19
CA THR C 54 2.22 -8.86 -6.01
C THR C 54 1.66 -7.51 -6.40
N LEU C 55 0.75 -6.98 -5.58
CA LEU C 55 -0.03 -5.80 -5.92
C LEU C 55 0.48 -4.62 -5.09
N ARG C 56 0.86 -3.54 -5.78
CA ARG C 56 1.32 -2.32 -5.14
C ARG C 56 0.40 -1.17 -5.49
N GLY C 57 0.27 -0.23 -4.56
CA GLY C 57 -0.58 0.92 -4.78
C GLY C 57 -1.29 1.44 -3.53
N HIS C 58 -1.35 0.62 -2.49
CA HIS C 58 -1.90 1.09 -1.23
C HIS C 58 -0.81 1.72 -0.38
N LEU C 59 -1.16 2.80 0.33
CA LEU C 59 -0.21 3.54 1.13
C LEU C 59 -0.56 3.50 2.62
N ALA C 60 -1.27 2.47 3.05
CA ALA C 60 -1.67 2.31 4.45
C ALA C 60 -2.06 0.86 4.66
N LYS C 61 -2.43 0.55 5.90
CA LYS C 61 -2.80 -0.82 6.25
C LYS C 61 -4.04 -1.26 5.46
N ILE C 62 -3.97 -2.46 4.91
CA ILE C 62 -5.11 -3.04 4.19
C ILE C 62 -5.94 -3.83 5.19
N TYR C 63 -7.22 -3.49 5.30
CA TYR C 63 -8.08 -4.07 6.32
C TYR C 63 -9.01 -5.16 5.81
N ALA C 64 -9.42 -5.11 4.54
CA ALA C 64 -10.26 -6.16 3.99
C ALA C 64 -10.11 -6.24 2.49
N MET C 65 -10.54 -7.37 1.94
CA MET C 65 -10.53 -7.62 0.51
C MET C 65 -11.66 -8.58 0.19
N HIS C 66 -12.03 -8.65 -1.09
CA HIS C 66 -13.05 -9.59 -1.52
C HIS C 66 -12.86 -9.90 -3.00
N TRP C 67 -12.91 -11.19 -3.34
CA TRP C 67 -12.75 -11.62 -4.72
C TRP C 67 -14.00 -11.36 -5.54
N GLY C 68 -13.79 -11.12 -6.84
CA GLY C 68 -14.90 -11.02 -7.75
C GLY C 68 -15.51 -12.37 -8.06
N THR C 69 -16.70 -12.34 -8.65
CA THR C 69 -17.38 -13.58 -8.99
C THR C 69 -16.76 -14.28 -10.19
N ASP C 70 -15.99 -13.57 -11.01
CA ASP C 70 -15.31 -14.15 -12.16
C ASP C 70 -13.94 -14.70 -11.82
N SER C 71 -13.52 -14.57 -10.56
CA SER C 71 -12.23 -15.07 -10.07
C SER C 71 -11.06 -14.35 -10.74
N ARG C 72 -11.26 -13.13 -11.22
CA ARG C 72 -10.18 -12.39 -11.84
C ARG C 72 -10.04 -10.99 -11.24
N LEU C 73 -11.17 -10.41 -10.81
CA LEU C 73 -11.18 -9.07 -10.26
C LEU C 73 -11.07 -9.12 -8.74
N LEU C 74 -10.56 -8.03 -8.17
CA LEU C 74 -10.35 -7.90 -6.74
C LEU C 74 -10.89 -6.58 -6.26
N VAL C 75 -11.06 -6.47 -4.95
CA VAL C 75 -11.33 -5.20 -4.27
C VAL C 75 -10.52 -5.18 -2.99
N SER C 76 -9.98 -4.02 -2.65
CA SER C 76 -9.18 -3.89 -1.44
C SER C 76 -9.53 -2.59 -0.75
N ALA C 77 -9.69 -2.66 0.57
CA ALA C 77 -9.96 -1.50 1.40
C ALA C 77 -8.76 -1.25 2.29
N SER C 78 -8.30 0.00 2.33
CA SER C 78 -7.11 0.36 3.09
C SER C 78 -7.37 1.62 3.90
N GLN C 79 -6.53 1.83 4.90
CA GLN C 79 -6.72 2.90 5.87
C GLN C 79 -6.60 4.29 5.26
N ASP C 80 -6.05 4.41 4.06
CA ASP C 80 -5.87 5.72 3.43
C ASP C 80 -7.11 6.19 2.70
N GLY C 81 -8.26 5.57 2.92
CA GLY C 81 -9.49 5.97 2.25
C GLY C 81 -9.46 5.73 0.76
N LYS C 82 -8.97 4.58 0.34
CA LYS C 82 -8.92 4.20 -1.08
C LYS C 82 -9.54 2.82 -1.26
N LEU C 83 -10.33 2.69 -2.32
CA LEU C 83 -10.91 1.42 -2.74
C LEU C 83 -10.44 1.15 -4.16
N ILE C 84 -9.63 0.10 -4.33
CA ILE C 84 -9.01 -0.22 -5.60
C ILE C 84 -9.60 -1.53 -6.10
N ILE C 85 -9.90 -1.58 -7.40
CA ILE C 85 -10.31 -2.80 -8.07
C ILE C 85 -9.14 -3.29 -8.91
N TRP C 86 -8.65 -4.48 -8.61
CA TRP C 86 -7.46 -5.02 -9.25
C TRP C 86 -7.83 -6.04 -10.33
N ASP C 87 -7.13 -5.95 -11.46
CA ASP C 87 -7.14 -7.01 -12.46
C ASP C 87 -6.04 -7.98 -12.05
N SER C 88 -6.41 -9.02 -11.31
CA SER C 88 -5.42 -9.90 -10.70
C SER C 88 -4.59 -10.64 -11.75
N TYR C 89 -5.15 -10.85 -12.94
CA TYR C 89 -4.39 -11.54 -13.98
C TYR C 89 -3.25 -10.67 -14.49
N THR C 90 -3.46 -9.36 -14.58
CA THR C 90 -2.46 -8.46 -15.13
C THR C 90 -2.03 -7.37 -14.15
N THR C 91 -2.49 -7.42 -12.90
CA THR C 91 -2.10 -6.47 -11.85
C THR C 91 -2.35 -5.03 -12.28
N ASN C 92 -3.51 -4.78 -12.89
CA ASN C 92 -3.89 -3.44 -13.33
C ASN C 92 -4.95 -2.87 -12.41
N LYS C 93 -4.87 -1.57 -12.14
CA LYS C 93 -5.85 -0.88 -11.31
C LYS C 93 -7.06 -0.54 -12.17
N VAL C 94 -8.12 -1.34 -12.04
CA VAL C 94 -9.33 -1.11 -12.81
C VAL C 94 -10.05 0.15 -12.32
N HIS C 95 -10.19 0.30 -11.01
CA HIS C 95 -10.90 1.42 -10.42
C HIS C 95 -10.19 1.86 -9.15
N ALA C 96 -10.30 3.15 -8.84
CA ALA C 96 -9.82 3.69 -7.58
C ALA C 96 -10.90 4.63 -7.05
N ILE C 97 -11.51 4.26 -5.92
CA ILE C 97 -12.68 4.94 -5.39
C ILE C 97 -12.27 5.69 -4.13
N PRO C 98 -12.26 7.03 -4.13
CA PRO C 98 -11.94 7.78 -2.91
C PRO C 98 -13.11 7.75 -1.94
N LEU C 99 -12.94 7.03 -0.83
CA LEU C 99 -13.98 6.90 0.17
C LEU C 99 -14.19 8.21 0.92
N ARG C 100 -15.43 8.42 1.37
CA ARG C 100 -15.73 9.61 2.16
C ARG C 100 -15.11 9.51 3.55
N SER C 101 -15.10 8.32 4.14
CA SER C 101 -14.50 8.07 5.43
C SER C 101 -13.30 7.16 5.27
N SER C 102 -12.17 7.56 5.83
CA SER C 102 -10.93 6.80 5.69
C SER C 102 -10.82 5.67 6.70
N TRP C 103 -11.78 5.51 7.59
CA TRP C 103 -11.71 4.50 8.64
C TRP C 103 -12.53 3.27 8.27
N VAL C 104 -12.09 2.59 7.22
CA VAL C 104 -12.77 1.41 6.71
C VAL C 104 -12.11 0.16 7.30
N MET C 105 -12.92 -0.79 7.73
CA MET C 105 -12.42 -2.03 8.30
C MET C 105 -13.02 -3.27 7.69
N THR C 106 -13.85 -3.13 6.66
CA THR C 106 -14.41 -4.27 5.94
C THR C 106 -15.02 -3.74 4.66
N CYS C 107 -15.12 -4.62 3.65
CA CYS C 107 -16.01 -4.43 2.51
C CYS C 107 -15.83 -5.52 1.48
N ALA C 108 -16.80 -5.59 0.57
CA ALA C 108 -17.03 -6.76 -0.28
C ALA C 108 -17.43 -6.34 -1.68
N TYR C 109 -17.57 -7.34 -2.54
CA TYR C 109 -17.82 -7.18 -3.96
C TYR C 109 -19.11 -7.92 -4.32
N ALA C 110 -19.95 -7.29 -5.13
CA ALA C 110 -21.26 -7.86 -5.44
C ALA C 110 -21.11 -9.14 -6.28
N PRO C 111 -21.98 -10.13 -6.05
CA PRO C 111 -21.92 -11.36 -6.85
C PRO C 111 -22.18 -11.15 -8.31
N SER C 112 -22.85 -10.06 -8.69
CA SER C 112 -23.07 -9.73 -10.09
C SER C 112 -21.97 -8.83 -10.66
N GLY C 113 -21.08 -8.31 -9.82
CA GLY C 113 -20.01 -7.46 -10.27
C GLY C 113 -20.40 -6.04 -10.56
N ASN C 114 -21.67 -5.67 -10.40
CA ASN C 114 -22.14 -4.33 -10.68
C ASN C 114 -21.91 -3.35 -9.54
N TYR C 115 -21.85 -3.83 -8.30
CA TYR C 115 -21.81 -2.97 -7.13
C TYR C 115 -20.64 -3.35 -6.24
N VAL C 116 -20.22 -2.37 -5.45
CA VAL C 116 -19.27 -2.60 -4.36
C VAL C 116 -19.70 -1.73 -3.17
N ALA C 117 -19.83 -2.35 -2.00
CA ALA C 117 -20.27 -1.66 -0.80
C ALA C 117 -19.13 -1.62 0.20
N CYS C 118 -18.80 -0.44 0.70
CA CYS C 118 -17.57 -0.43 1.48
C CYS C 118 -17.63 0.68 2.54
N GLY C 119 -17.50 0.26 3.79
CA GLY C 119 -17.64 1.18 4.90
C GLY C 119 -16.89 0.68 6.12
N GLY C 120 -17.03 1.42 7.22
CA GLY C 120 -16.25 1.14 8.41
C GLY C 120 -16.67 1.88 9.66
N LEU C 121 -15.69 2.44 10.39
CA LEU C 121 -15.91 3.04 11.70
C LEU C 121 -16.90 4.19 11.69
N ASP C 122 -17.15 4.82 10.53
CA ASP C 122 -18.08 5.93 10.45
C ASP C 122 -19.54 5.49 10.52
N ASN C 123 -19.79 4.21 10.84
CA ASN C 123 -21.12 3.66 11.05
C ASN C 123 -22.00 3.72 9.81
N ILE C 124 -21.38 3.82 8.62
CA ILE C 124 -22.12 3.92 7.37
C ILE C 124 -21.58 2.87 6.41
N CYS C 125 -22.48 2.13 5.76
CA CYS C 125 -22.13 1.19 4.71
C CYS C 125 -22.50 1.81 3.36
N SER C 126 -21.52 2.39 2.67
CA SER C 126 -21.75 3.06 1.41
C SER C 126 -21.80 2.04 0.28
N ILE C 127 -22.73 2.22 -0.65
CA ILE C 127 -22.88 1.37 -1.82
C ILE C 127 -22.38 2.12 -3.03
N TYR C 128 -21.50 1.50 -3.82
CA TYR C 128 -20.93 2.12 -4.99
C TYR C 128 -21.37 1.37 -6.24
N ASN C 129 -21.78 2.13 -7.26
CA ASN C 129 -22.21 1.56 -8.54
C ASN C 129 -21.07 1.70 -9.54
N LEU C 130 -20.56 0.56 -10.01
CA LEU C 130 -19.41 0.54 -10.91
C LEU C 130 -19.80 0.79 -12.36
N LYS C 131 -20.96 0.28 -12.78
CA LYS C 131 -21.41 0.37 -14.17
C LYS C 131 -22.33 1.58 -14.34
N THR C 132 -21.73 2.75 -14.48
CA THR C 132 -22.45 3.99 -14.66
C THR C 132 -22.29 4.53 -16.08
N ARG C 133 -23.37 5.12 -16.59
CA ARG C 133 -23.32 5.83 -17.86
C ARG C 133 -22.44 7.08 -17.80
N GLU C 134 -22.13 7.56 -16.60
CA GLU C 134 -21.26 8.71 -16.40
C GLU C 134 -19.79 8.38 -16.60
N GLY C 135 -19.42 7.10 -16.50
CA GLY C 135 -18.05 6.67 -16.72
C GLY C 135 -17.23 6.47 -15.47
N ASN C 136 -17.67 6.98 -14.33
CA ASN C 136 -16.93 6.86 -13.08
C ASN C 136 -17.76 6.05 -12.08
N VAL C 137 -17.25 5.94 -10.85
CA VAL C 137 -17.89 5.18 -9.79
C VAL C 137 -18.53 6.18 -8.84
N ARG C 138 -19.86 6.19 -8.80
CA ARG C 138 -20.61 7.06 -7.91
C ARG C 138 -21.18 6.26 -6.74
N VAL C 139 -21.51 6.97 -5.67
CA VAL C 139 -22.06 6.34 -4.48
C VAL C 139 -23.54 6.08 -4.74
N SER C 140 -23.96 4.82 -4.58
CA SER C 140 -25.36 4.48 -4.84
C SER C 140 -26.24 4.91 -3.68
N ARG C 141 -26.02 4.37 -2.49
CA ARG C 141 -26.79 4.71 -1.30
C ARG C 141 -25.93 4.49 -0.07
N GLU C 142 -26.19 5.28 0.97
CA GLU C 142 -25.54 5.13 2.26
C GLU C 142 -26.53 4.53 3.24
N LEU C 143 -26.19 3.38 3.81
CA LEU C 143 -27.06 2.69 4.76
C LEU C 143 -26.72 3.13 6.17
N ALA C 144 -27.65 3.79 6.83
CA ALA C 144 -27.46 4.31 8.18
C ALA C 144 -28.47 3.67 9.13
N GLY C 145 -28.04 3.51 10.39
CA GLY C 145 -28.90 2.91 11.39
C GLY C 145 -28.15 2.05 12.39
N HIS C 146 -26.89 1.77 12.11
CA HIS C 146 -26.03 1.04 13.04
C HIS C 146 -25.37 2.02 14.00
N THR C 147 -25.29 1.62 15.27
CA THR C 147 -24.71 2.47 16.31
C THR C 147 -23.32 1.99 16.73
N GLY C 148 -22.68 1.13 15.94
CA GLY C 148 -21.35 0.67 16.25
C GLY C 148 -20.56 0.43 14.98
N TYR C 149 -19.25 0.25 15.13
CA TYR C 149 -18.39 0.05 13.97
C TYR C 149 -18.80 -1.18 13.20
N LEU C 150 -18.65 -1.10 11.88
CA LEU C 150 -19.21 -2.08 10.96
C LEU C 150 -18.17 -3.14 10.60
N SER C 151 -18.66 -4.28 10.12
CA SER C 151 -17.82 -5.37 9.68
C SER C 151 -18.62 -6.28 8.73
N CYS C 152 -17.89 -6.95 7.84
CA CYS C 152 -18.40 -7.96 6.92
C CYS C 152 -19.71 -7.57 6.26
N CYS C 153 -19.64 -6.56 5.42
CA CYS C 153 -20.67 -6.37 4.41
C CYS C 153 -20.68 -7.59 3.50
N ARG C 154 -21.87 -8.06 3.14
CA ARG C 154 -21.99 -9.23 2.28
C ARG C 154 -23.26 -9.09 1.44
N PHE C 155 -23.09 -8.92 0.14
CA PHE C 155 -24.21 -8.85 -0.78
C PHE C 155 -24.89 -10.21 -0.90
N LEU C 156 -26.21 -10.22 -0.89
CA LEU C 156 -26.98 -11.39 -1.30
C LEU C 156 -27.27 -11.36 -2.80
N ASP C 157 -27.76 -10.24 -3.29
CA ASP C 157 -27.94 -10.00 -4.72
C ASP C 157 -27.74 -8.50 -4.95
N ASP C 158 -28.22 -8.00 -6.08
CA ASP C 158 -28.03 -6.60 -6.41
C ASP C 158 -28.76 -5.65 -5.48
N ASN C 159 -29.71 -6.13 -4.67
CA ASN C 159 -30.55 -5.20 -3.91
C ASN C 159 -30.82 -5.66 -2.48
N GLN C 160 -29.89 -6.37 -1.86
CA GLN C 160 -29.99 -6.65 -0.43
C GLN C 160 -28.64 -7.14 0.09
N ILE C 161 -28.17 -6.53 1.17
CA ILE C 161 -26.85 -6.80 1.73
C ILE C 161 -26.97 -6.90 3.24
N VAL C 162 -26.31 -7.91 3.81
CA VAL C 162 -26.29 -8.13 5.25
C VAL C 162 -24.96 -7.66 5.81
N THR C 163 -25.01 -6.93 6.92
CA THR C 163 -23.83 -6.34 7.54
C THR C 163 -23.84 -6.65 9.03
N SER C 164 -22.66 -6.73 9.63
CA SER C 164 -22.51 -6.85 11.07
C SER C 164 -21.96 -5.55 11.62
N SER C 165 -22.17 -5.32 12.91
CA SER C 165 -21.71 -4.06 13.51
C SER C 165 -21.34 -4.29 14.96
N GLY C 166 -20.52 -3.37 15.48
CA GLY C 166 -20.05 -3.45 16.84
C GLY C 166 -21.08 -3.14 17.90
N ASP C 167 -22.32 -2.85 17.52
CA ASP C 167 -23.40 -2.64 18.46
C ASP C 167 -24.16 -3.91 18.79
N THR C 168 -23.49 -5.06 18.69
CA THR C 168 -24.00 -6.38 19.09
C THR C 168 -25.16 -6.85 18.21
N THR C 169 -25.33 -6.30 17.01
CA THR C 169 -26.44 -6.71 16.17
C THR C 169 -26.03 -6.70 14.72
N CYS C 170 -26.62 -7.64 13.96
CA CYS C 170 -26.50 -7.70 12.51
C CYS C 170 -27.84 -7.36 11.89
N ALA C 171 -27.80 -6.93 10.63
CA ALA C 171 -29.00 -6.44 9.98
C ALA C 171 -29.03 -6.89 8.52
N LEU C 172 -30.23 -7.10 7.99
CA LEU C 172 -30.45 -7.32 6.57
C LEU C 172 -31.08 -6.06 6.00
N TRP C 173 -30.50 -5.53 4.94
CA TRP C 173 -30.90 -4.25 4.39
C TRP C 173 -31.65 -4.41 3.07
N ASP C 174 -32.11 -3.29 2.55
CA ASP C 174 -32.83 -3.22 1.27
C ASP C 174 -32.31 -1.98 0.55
N ILE C 175 -31.37 -2.19 -0.37
CA ILE C 175 -30.67 -1.06 -0.99
C ILE C 175 -31.61 -0.21 -1.81
N GLU C 176 -32.69 -0.79 -2.34
CA GLU C 176 -33.66 0.00 -3.10
C GLU C 176 -34.30 1.08 -2.23
N THR C 177 -34.69 0.71 -1.01
CA THR C 177 -35.36 1.64 -0.12
C THR C 177 -34.41 2.29 0.88
N GLY C 178 -33.37 1.57 1.30
CA GLY C 178 -32.41 2.09 2.24
C GLY C 178 -32.75 1.92 3.70
N GLN C 179 -33.84 1.23 4.01
CA GLN C 179 -34.22 0.98 5.39
C GLN C 179 -33.88 -0.46 5.78
N GLN C 180 -33.51 -0.63 7.04
CA GLN C 180 -33.11 -1.92 7.59
C GLN C 180 -34.32 -2.83 7.65
N THR C 181 -34.38 -3.79 6.71
CA THR C 181 -35.58 -4.63 6.59
C THR C 181 -35.72 -5.57 7.78
N THR C 182 -34.64 -6.26 8.14
CA THR C 182 -34.68 -7.25 9.22
C THR C 182 -33.50 -7.05 10.14
N THR C 183 -33.75 -7.23 11.44
CA THR C 183 -32.73 -7.04 12.47
C THR C 183 -32.47 -8.36 13.17
N PHE C 184 -31.19 -8.69 13.34
CA PHE C 184 -30.77 -9.92 14.01
C PHE C 184 -30.10 -9.54 15.32
N THR C 185 -30.78 -9.81 16.44
CA THR C 185 -30.29 -9.45 17.76
C THR C 185 -30.07 -10.71 18.60
N GLY C 186 -29.21 -10.58 19.60
CA GLY C 186 -28.94 -11.67 20.50
C GLY C 186 -27.48 -11.76 20.93
N HIS C 187 -26.60 -11.08 20.22
CA HIS C 187 -25.19 -11.10 20.57
C HIS C 187 -24.95 -10.29 21.84
N THR C 188 -24.17 -10.88 22.74
CA THR C 188 -23.83 -10.22 24.00
C THR C 188 -22.40 -9.69 23.87
N GLY C 189 -22.07 -9.21 22.69
CA GLY C 189 -20.73 -8.69 22.42
C GLY C 189 -20.64 -8.27 20.98
N ASP C 190 -19.57 -7.52 20.69
CA ASP C 190 -19.41 -6.95 19.35
C ASP C 190 -19.19 -8.07 18.33
N VAL C 191 -20.05 -8.11 17.32
CA VAL C 191 -19.93 -9.11 16.26
C VAL C 191 -18.88 -8.63 15.27
N MET C 192 -17.91 -9.49 14.97
CA MET C 192 -16.73 -9.10 14.19
C MET C 192 -16.74 -9.61 12.76
N SER C 193 -17.45 -10.70 12.47
CA SER C 193 -17.45 -11.22 11.11
C SER C 193 -18.71 -12.03 10.87
N LEU C 194 -19.06 -12.14 9.59
CA LEU C 194 -20.17 -13.00 9.17
C LEU C 194 -19.84 -13.57 7.80
N SER C 195 -20.36 -14.77 7.54
CA SER C 195 -20.13 -15.44 6.28
C SER C 195 -21.46 -15.92 5.72
N LEU C 196 -21.73 -15.58 4.47
CA LEU C 196 -22.94 -16.02 3.81
C LEU C 196 -22.83 -17.48 3.40
N ALA C 197 -23.94 -18.21 3.51
CA ALA C 197 -23.99 -19.57 3.01
C ALA C 197 -23.98 -19.54 1.48
N PRO C 198 -23.50 -20.61 0.84
CA PRO C 198 -23.53 -20.66 -0.63
C PRO C 198 -24.93 -20.54 -1.21
N ASP C 199 -25.96 -21.00 -0.49
CA ASP C 199 -27.33 -20.95 -0.98
C ASP C 199 -27.99 -19.59 -0.78
N THR C 200 -27.37 -18.70 0.00
CA THR C 200 -27.91 -17.37 0.31
C THR C 200 -29.28 -17.48 1.00
N ARG C 201 -29.48 -18.57 1.72
CA ARG C 201 -30.62 -18.71 2.63
C ARG C 201 -30.25 -18.57 4.10
N LEU C 202 -29.01 -18.85 4.48
CA LEU C 202 -28.59 -18.77 5.87
C LEU C 202 -27.25 -18.05 5.94
N PHE C 203 -26.83 -17.75 7.15
CA PHE C 203 -25.49 -17.21 7.37
C PHE C 203 -25.13 -17.36 8.84
N VAL C 204 -23.84 -17.22 9.13
CA VAL C 204 -23.32 -17.35 10.49
C VAL C 204 -22.49 -16.10 10.80
N SER C 205 -22.35 -15.80 12.09
CA SER C 205 -21.61 -14.64 12.55
C SER C 205 -20.93 -14.96 13.88
N GLY C 206 -19.70 -14.49 14.04
CA GLY C 206 -18.97 -14.63 15.27
C GLY C 206 -18.79 -13.29 15.95
N ALA C 207 -18.88 -13.27 17.27
CA ALA C 207 -18.90 -12.04 18.05
C ALA C 207 -17.82 -12.05 19.12
N CYS C 208 -17.66 -10.89 19.75
CA CYS C 208 -16.67 -10.73 20.82
C CYS C 208 -17.06 -11.46 22.09
N ASP C 209 -18.28 -11.97 22.19
CA ASP C 209 -18.70 -12.76 23.33
C ASP C 209 -18.23 -14.22 23.25
N ALA C 210 -17.28 -14.49 22.37
CA ALA C 210 -16.71 -15.84 22.18
C ALA C 210 -17.80 -16.85 21.84
N SER C 211 -18.68 -16.48 20.91
CA SER C 211 -19.73 -17.38 20.46
C SER C 211 -20.02 -17.11 18.99
N ALA C 212 -20.50 -18.14 18.30
CA ALA C 212 -20.93 -18.05 16.92
C ALA C 212 -22.38 -18.51 16.82
N LYS C 213 -23.15 -17.80 16.01
CA LYS C 213 -24.59 -18.03 15.94
C LYS C 213 -25.02 -18.11 14.48
N LEU C 214 -25.89 -19.07 14.20
CA LEU C 214 -26.41 -19.30 12.86
C LEU C 214 -27.78 -18.62 12.74
N TRP C 215 -27.95 -17.80 11.71
CA TRP C 215 -29.12 -16.95 11.56
C TRP C 215 -29.80 -17.21 10.22
N ASP C 216 -31.11 -17.02 10.21
CA ASP C 216 -31.94 -17.22 9.02
C ASP C 216 -32.27 -15.86 8.42
N VAL C 217 -32.01 -15.70 7.12
CA VAL C 217 -32.10 -14.39 6.49
C VAL C 217 -33.54 -13.92 6.34
N ARG C 218 -34.50 -14.84 6.29
CA ARG C 218 -35.89 -14.45 6.04
C ARG C 218 -36.72 -14.30 7.29
N GLU C 219 -36.61 -15.22 8.25
CA GLU C 219 -37.37 -15.10 9.49
C GLU C 219 -36.62 -14.33 10.57
N GLY C 220 -35.29 -14.41 10.61
CA GLY C 220 -34.52 -13.65 11.56
C GLY C 220 -34.51 -14.18 12.98
N MET C 221 -34.86 -15.45 13.18
CA MET C 221 -34.73 -16.11 14.48
C MET C 221 -33.34 -16.70 14.66
N CYS C 222 -32.93 -16.81 15.92
CA CYS C 222 -31.66 -17.44 16.27
C CYS C 222 -31.81 -18.96 16.13
N ARG C 223 -31.32 -19.49 15.01
CA ARG C 223 -31.54 -20.90 14.71
C ARG C 223 -30.63 -21.80 15.56
N GLN C 224 -29.37 -21.40 15.74
CA GLN C 224 -28.40 -22.22 16.46
C GLN C 224 -27.29 -21.32 16.99
N THR C 225 -26.59 -21.82 18.01
CA THR C 225 -25.47 -21.10 18.61
C THR C 225 -24.34 -22.07 18.90
N PHE C 226 -23.10 -21.57 18.84
CA PHE C 226 -21.91 -22.41 18.98
C PHE C 226 -20.94 -21.77 19.96
N THR C 227 -20.41 -22.57 20.87
CA THR C 227 -19.43 -22.14 21.86
C THR C 227 -18.16 -22.97 21.72
N GLY C 228 -17.11 -22.50 22.40
CA GLY C 228 -15.85 -23.22 22.40
C GLY C 228 -14.63 -22.31 22.39
N HIS C 229 -14.81 -21.07 21.96
CA HIS C 229 -13.70 -20.12 21.96
C HIS C 229 -13.62 -19.41 23.30
N GLU C 230 -12.38 -19.04 23.68
CA GLU C 230 -12.14 -18.29 24.91
C GLU C 230 -12.04 -16.79 24.71
N SER C 231 -11.70 -16.35 23.49
CA SER C 231 -11.58 -14.92 23.24
C SER C 231 -12.46 -14.50 22.07
N ASP C 232 -12.42 -13.21 21.73
CA ASP C 232 -13.28 -12.68 20.68
C ASP C 232 -12.96 -13.31 19.32
N ILE C 233 -14.01 -13.70 18.61
CA ILE C 233 -13.89 -14.31 17.29
C ILE C 233 -13.78 -13.21 16.25
N ASN C 234 -12.72 -13.24 15.45
CA ASN C 234 -12.50 -12.20 14.46
C ASN C 234 -12.69 -12.68 13.03
N ALA C 235 -12.64 -13.99 12.79
CA ALA C 235 -12.77 -14.51 11.45
C ALA C 235 -13.70 -15.71 11.44
N ILE C 236 -14.39 -15.89 10.31
CA ILE C 236 -15.34 -16.99 10.15
C ILE C 236 -15.64 -17.11 8.67
N CYS C 237 -15.87 -18.34 8.21
CA CYS C 237 -16.36 -18.57 6.86
C CYS C 237 -17.00 -19.94 6.79
N PHE C 238 -17.84 -20.13 5.77
CA PHE C 238 -18.55 -21.39 5.57
C PHE C 238 -17.68 -22.44 4.87
N PHE C 239 -17.99 -23.70 5.15
CA PHE C 239 -17.54 -24.79 4.32
C PHE C 239 -18.18 -24.67 2.93
N PRO C 240 -17.50 -25.15 1.88
CA PRO C 240 -18.06 -24.99 0.54
C PRO C 240 -19.42 -25.64 0.33
N ASN C 241 -19.77 -26.67 1.09
CA ASN C 241 -21.07 -27.31 0.90
C ASN C 241 -22.18 -26.64 1.72
N GLY C 242 -21.86 -25.66 2.55
CA GLY C 242 -22.87 -25.01 3.36
C GLY C 242 -23.35 -25.81 4.55
N ASN C 243 -22.59 -26.82 4.98
CA ASN C 243 -22.98 -27.65 6.11
C ASN C 243 -21.94 -27.63 7.23
N ALA C 244 -20.98 -26.71 7.16
CA ALA C 244 -19.96 -26.57 8.21
C ALA C 244 -19.36 -25.18 8.10
N PHE C 245 -18.64 -24.78 9.14
CA PHE C 245 -17.96 -23.49 9.10
C PHE C 245 -16.83 -23.46 10.13
N ALA C 246 -15.81 -22.65 9.83
CA ALA C 246 -14.63 -22.53 10.66
C ALA C 246 -14.55 -21.14 11.25
N THR C 247 -14.20 -21.05 12.53
CA THR C 247 -14.06 -19.79 13.24
C THR C 247 -12.63 -19.63 13.72
N GLY C 248 -12.17 -18.38 13.76
CA GLY C 248 -10.86 -18.04 14.26
C GLY C 248 -10.91 -16.87 15.24
N SER C 249 -10.26 -17.03 16.38
CA SER C 249 -10.30 -16.03 17.45
C SER C 249 -8.88 -15.68 17.89
N ASP C 250 -8.80 -14.86 18.95
CA ASP C 250 -7.52 -14.37 19.43
C ASP C 250 -6.77 -15.39 20.29
N ASP C 251 -7.43 -16.46 20.71
CA ASP C 251 -6.72 -17.45 21.53
C ASP C 251 -5.90 -18.42 20.71
N ALA C 252 -5.58 -18.07 19.46
CA ALA C 252 -4.69 -18.86 18.60
C ALA C 252 -5.28 -20.24 18.30
N THR C 253 -6.60 -20.32 18.17
CA THR C 253 -7.28 -21.56 17.84
C THR C 253 -8.29 -21.31 16.73
N CYS C 254 -8.24 -22.13 15.70
CA CYS C 254 -9.30 -22.21 14.70
C CYS C 254 -10.10 -23.48 14.96
N ARG C 255 -11.42 -23.37 14.83
CA ARG C 255 -12.30 -24.50 15.11
C ARG C 255 -13.30 -24.70 14.00
N LEU C 256 -13.53 -25.96 13.64
CA LEU C 256 -14.50 -26.34 12.62
C LEU C 256 -15.71 -26.94 13.30
N PHE C 257 -16.88 -26.33 13.04
CA PHE C 257 -18.19 -26.71 13.54
C PHE C 257 -19.04 -27.22 12.38
N ASP C 258 -20.01 -28.07 12.70
CA ASP C 258 -21.01 -28.54 11.73
C ASP C 258 -22.39 -28.03 12.15
N LEU C 259 -23.15 -27.54 11.17
CA LEU C 259 -24.45 -26.95 11.46
C LEU C 259 -25.45 -27.99 11.94
N ARG C 260 -25.28 -29.26 11.55
CA ARG C 260 -26.19 -30.30 11.98
C ARG C 260 -25.68 -31.09 13.19
N ALA C 261 -24.37 -31.19 13.37
CA ALA C 261 -23.83 -31.80 14.58
C ALA C 261 -23.99 -30.91 15.81
N ASP C 262 -24.13 -29.59 15.61
CA ASP C 262 -24.37 -28.62 16.66
C ASP C 262 -23.25 -28.53 17.69
N GLN C 263 -22.11 -29.15 17.44
CA GLN C 263 -20.97 -29.12 18.34
C GLN C 263 -19.68 -29.09 17.53
N GLU C 264 -18.60 -28.66 18.18
CA GLU C 264 -17.32 -28.52 17.50
C GLU C 264 -16.85 -29.85 16.94
N LEU C 265 -16.35 -29.81 15.69
CA LEU C 265 -15.78 -31.02 15.10
C LEU C 265 -14.28 -31.09 15.33
N MET C 266 -13.56 -30.00 15.06
CA MET C 266 -12.12 -30.15 15.21
C MET C 266 -11.47 -28.83 15.58
N THR C 267 -10.34 -28.93 16.29
CA THR C 267 -9.52 -27.78 16.66
C THR C 267 -8.24 -27.76 15.82
N TYR C 268 -7.79 -26.56 15.46
CA TYR C 268 -6.69 -26.35 14.53
C TYR C 268 -5.60 -25.50 15.18
N SER C 269 -5.18 -25.88 16.37
CA SER C 269 -4.19 -25.13 17.13
C SER C 269 -2.92 -25.94 17.33
N HIS C 270 -1.81 -25.22 17.51
CA HIS C 270 -0.51 -25.83 17.77
C HIS C 270 0.20 -25.01 18.84
N ASP C 271 1.19 -25.64 19.49
CA ASP C 271 1.89 -25.00 20.60
C ASP C 271 2.74 -23.83 20.13
N ASN C 272 3.28 -23.90 18.91
CA ASN C 272 4.15 -22.83 18.42
C ASN C 272 3.40 -21.52 18.25
N ILE C 273 2.14 -21.58 17.83
CA ILE C 273 1.34 -20.39 17.59
C ILE C 273 0.99 -19.76 18.93
N ILE C 274 1.29 -18.46 19.09
CA ILE C 274 0.93 -17.72 20.28
C ILE C 274 -0.10 -16.64 19.99
N CYS C 275 -0.04 -15.98 18.84
CA CYS C 275 -1.00 -14.95 18.48
C CYS C 275 -2.25 -15.58 17.87
N GLY C 276 -3.34 -14.82 17.92
CA GLY C 276 -4.61 -15.31 17.42
C GLY C 276 -4.65 -15.38 15.90
N ILE C 277 -5.87 -15.51 15.38
CA ILE C 277 -6.10 -15.58 13.95
C ILE C 277 -6.85 -14.32 13.51
N THR C 278 -6.46 -13.78 12.36
CA THR C 278 -7.10 -12.59 11.83
C THR C 278 -8.09 -12.89 10.71
N SER C 279 -7.76 -13.82 9.82
CA SER C 279 -8.66 -14.15 8.71
C SER C 279 -8.72 -15.66 8.53
N VAL C 280 -9.84 -16.12 8.00
CA VAL C 280 -10.06 -17.54 7.74
C VAL C 280 -10.77 -17.71 6.40
N SER C 281 -10.27 -18.62 5.57
CA SER C 281 -10.89 -18.87 4.28
C SER C 281 -10.60 -20.30 3.86
N PHE C 282 -11.49 -20.86 3.04
CA PHE C 282 -11.45 -22.25 2.65
C PHE C 282 -11.06 -22.40 1.18
N SER C 283 -10.50 -23.57 0.87
CA SER C 283 -10.23 -23.96 -0.50
C SER C 283 -11.50 -24.48 -1.16
N LYS C 284 -11.44 -24.62 -2.50
CA LYS C 284 -12.63 -25.02 -3.25
C LYS C 284 -13.06 -26.43 -2.89
N SER C 285 -12.12 -27.35 -2.71
CA SER C 285 -12.45 -28.74 -2.44
C SER C 285 -12.88 -28.99 -1.01
N GLY C 286 -12.79 -27.99 -0.13
CA GLY C 286 -13.16 -28.21 1.26
C GLY C 286 -12.19 -29.06 2.04
N ARG C 287 -10.91 -29.02 1.69
CA ARG C 287 -9.89 -29.75 2.44
C ARG C 287 -8.77 -28.86 2.96
N LEU C 288 -8.53 -27.71 2.33
CA LEU C 288 -7.41 -26.85 2.68
C LEU C 288 -7.95 -25.54 3.26
N LEU C 289 -7.81 -25.37 4.57
CA LEU C 289 -8.29 -24.16 5.24
C LEU C 289 -7.12 -23.20 5.43
N LEU C 290 -7.20 -22.03 4.82
CA LEU C 290 -6.18 -21.01 4.96
C LEU C 290 -6.57 -20.06 6.10
N ALA C 291 -5.60 -19.72 6.94
CA ALA C 291 -5.86 -18.87 8.09
C ALA C 291 -4.73 -17.86 8.22
N GLY C 292 -5.04 -16.59 8.04
CA GLY C 292 -4.06 -15.53 8.20
C GLY C 292 -3.96 -15.07 9.64
N TYR C 293 -2.75 -15.16 10.21
CA TYR C 293 -2.50 -14.99 11.62
C TYR C 293 -1.99 -13.58 11.94
N ASP C 294 -1.97 -13.26 13.23
CA ASP C 294 -1.58 -11.92 13.65
C ASP C 294 -0.09 -11.63 13.45
N ASP C 295 0.77 -12.63 13.64
CA ASP C 295 2.19 -12.31 13.73
C ASP C 295 2.72 -11.72 12.43
N PHE C 296 2.92 -12.53 11.39
CA PHE C 296 3.23 -11.99 10.07
C PHE C 296 2.65 -12.81 8.93
N ASN C 297 2.25 -14.05 9.21
CA ASN C 297 2.11 -15.06 8.18
C ASN C 297 0.70 -15.65 8.16
N CYS C 298 0.45 -16.48 7.15
CA CYS C 298 -0.74 -17.32 7.05
C CYS C 298 -0.32 -18.77 7.14
N ASN C 299 -1.17 -19.59 7.73
CA ASN C 299 -0.95 -21.03 7.81
C ASN C 299 -2.03 -21.74 6.99
N VAL C 300 -1.60 -22.76 6.25
CA VAL C 300 -2.51 -23.49 5.37
C VAL C 300 -2.74 -24.87 5.97
N TRP C 301 -3.83 -25.02 6.72
CA TRP C 301 -4.10 -26.24 7.47
C TRP C 301 -4.84 -27.25 6.61
N ASP C 302 -4.61 -28.53 6.91
CA ASP C 302 -5.42 -29.62 6.38
C ASP C 302 -6.70 -29.67 7.20
N ALA C 303 -7.83 -29.32 6.56
CA ALA C 303 -9.09 -29.18 7.27
C ALA C 303 -9.62 -30.50 7.82
N LEU C 304 -8.89 -31.59 7.61
CA LEU C 304 -9.29 -32.88 8.15
C LEU C 304 -8.25 -33.51 9.06
N LYS C 305 -6.97 -33.13 8.93
CA LYS C 305 -5.92 -33.68 9.77
C LYS C 305 -5.46 -32.71 10.85
N ALA C 306 -5.90 -31.46 10.79
CA ALA C 306 -5.46 -30.43 11.73
C ALA C 306 -3.94 -30.33 11.76
N ASP C 307 -3.32 -30.41 10.60
CA ASP C 307 -1.87 -30.34 10.45
C ASP C 307 -1.53 -29.24 9.47
N ARG C 308 -0.61 -28.36 9.86
CA ARG C 308 -0.24 -27.24 9.02
C ARG C 308 0.58 -27.71 7.82
N ALA C 309 -0.10 -27.87 6.68
CA ALA C 309 0.54 -28.31 5.44
C ALA C 309 0.87 -27.13 4.54
N GLY C 310 1.79 -26.28 4.96
CA GLY C 310 2.24 -25.16 4.16
C GLY C 310 2.05 -23.84 4.88
N VAL C 311 2.91 -22.87 4.55
CA VAL C 311 2.85 -21.54 5.13
C VAL C 311 3.12 -20.53 4.02
N LEU C 312 2.36 -19.45 3.99
CA LEU C 312 2.58 -18.37 3.04
C LEU C 312 3.58 -17.39 3.65
N ALA C 313 4.78 -17.33 3.08
CA ALA C 313 5.91 -16.61 3.67
C ALA C 313 6.11 -15.29 2.92
N GLY C 314 5.46 -14.25 3.42
CA GLY C 314 5.69 -12.90 2.94
C GLY C 314 5.18 -11.94 4.00
N HIS C 315 4.68 -10.76 3.59
CA HIS C 315 3.85 -9.94 4.46
C HIS C 315 4.59 -9.57 5.75
N ASP C 316 5.58 -8.70 5.60
CA ASP C 316 6.42 -8.28 6.70
C ASP C 316 5.64 -7.54 7.80
N ASN C 317 4.33 -7.40 7.66
CA ASN C 317 3.48 -6.91 8.73
C ASN C 317 2.34 -7.89 9.01
N ARG C 318 1.43 -7.53 9.90
CA ARG C 318 0.32 -8.42 10.23
C ARG C 318 -0.61 -8.60 9.04
N VAL C 319 -0.95 -9.84 8.73
CA VAL C 319 -1.88 -10.14 7.64
C VAL C 319 -3.31 -9.97 8.13
N SER C 320 -4.12 -9.24 7.38
CA SER C 320 -5.47 -8.91 7.80
C SER C 320 -6.55 -9.62 7.02
N CYS C 321 -6.33 -9.97 5.76
CA CYS C 321 -7.43 -10.47 4.95
C CYS C 321 -6.97 -11.56 3.99
N LEU C 322 -7.87 -12.51 3.75
CA LEU C 322 -7.65 -13.61 2.82
C LEU C 322 -8.80 -13.68 1.83
N GLY C 323 -8.55 -14.34 0.71
CA GLY C 323 -9.60 -14.61 -0.25
C GLY C 323 -9.27 -15.72 -1.22
N VAL C 324 -10.17 -16.67 -1.38
CA VAL C 324 -9.99 -17.80 -2.29
C VAL C 324 -11.03 -17.69 -3.40
N THR C 325 -10.57 -17.79 -4.64
CA THR C 325 -11.44 -17.56 -5.79
C THR C 325 -12.54 -18.61 -5.87
N ASP C 326 -13.59 -18.27 -6.61
CA ASP C 326 -14.71 -19.20 -6.78
C ASP C 326 -14.27 -20.46 -7.51
N ASP C 327 -13.42 -20.31 -8.53
CA ASP C 327 -12.87 -21.47 -9.23
C ASP C 327 -11.73 -22.12 -8.47
N GLY C 328 -11.29 -21.54 -7.36
CA GLY C 328 -10.25 -22.13 -6.55
C GLY C 328 -8.86 -22.02 -7.11
N MET C 329 -8.64 -21.15 -8.10
CA MET C 329 -7.34 -21.10 -8.76
C MET C 329 -6.24 -20.61 -7.84
N ALA C 330 -6.47 -19.52 -7.10
CA ALA C 330 -5.41 -18.89 -6.34
C ALA C 330 -5.94 -18.44 -4.98
N VAL C 331 -5.07 -17.81 -4.20
CA VAL C 331 -5.40 -17.24 -2.91
C VAL C 331 -4.76 -15.87 -2.82
N ALA C 332 -5.59 -14.84 -2.68
CA ALA C 332 -5.07 -13.49 -2.50
C ALA C 332 -5.03 -13.14 -1.03
N THR C 333 -3.95 -12.48 -0.62
CA THR C 333 -3.67 -12.19 0.78
C THR C 333 -3.34 -10.71 0.93
N GLY C 334 -3.90 -10.08 1.94
CA GLY C 334 -3.64 -8.67 2.21
C GLY C 334 -3.21 -8.49 3.65
N SER C 335 -2.22 -7.63 3.86
CA SER C 335 -1.58 -7.46 5.14
C SER C 335 -1.42 -5.97 5.43
N TRP C 336 -1.14 -5.67 6.70
CA TRP C 336 -0.99 -4.28 7.14
C TRP C 336 0.21 -3.57 6.51
N ASP C 337 0.99 -4.27 5.69
CA ASP C 337 2.14 -3.68 5.00
C ASP C 337 1.75 -3.02 3.68
N SER C 338 0.46 -2.94 3.36
CA SER C 338 -0.05 -2.28 2.17
C SER C 338 0.33 -3.03 0.88
N PHE C 339 0.44 -4.36 0.98
CA PHE C 339 0.79 -5.17 -0.17
C PHE C 339 -0.15 -6.35 -0.27
N LEU C 340 -0.72 -6.56 -1.45
CA LEU C 340 -1.55 -7.71 -1.75
C LEU C 340 -0.73 -8.71 -2.56
N LYS C 341 -0.76 -9.97 -2.14
CA LYS C 341 0.01 -11.03 -2.78
C LYS C 341 -0.92 -12.15 -3.21
N ILE C 342 -0.82 -12.56 -4.47
CA ILE C 342 -1.57 -13.70 -4.99
C ILE C 342 -0.66 -14.92 -4.94
N TRP C 343 -1.15 -16.01 -4.37
CA TRP C 343 -0.39 -17.24 -4.21
C TRP C 343 -1.11 -18.37 -4.95
N ASN C 344 -0.37 -19.07 -5.79
CA ASN C 344 -0.97 -20.10 -6.63
C ASN C 344 0.04 -21.19 -6.96
N ILE D 9 -40.06 -9.00 35.27
CA ILE D 9 -40.76 -10.25 35.03
C ILE D 9 -40.54 -10.70 33.59
N ALA D 10 -40.09 -9.76 32.75
CA ALA D 10 -39.85 -10.06 31.35
C ALA D 10 -38.45 -9.63 30.89
N GLN D 11 -37.52 -9.40 31.83
CA GLN D 11 -36.19 -8.97 31.45
C GLN D 11 -35.46 -10.03 30.63
N ALA D 12 -35.60 -11.30 31.01
CA ALA D 12 -34.93 -12.40 30.32
C ALA D 12 -35.91 -13.39 29.70
N ARG D 13 -37.17 -13.00 29.51
CA ARG D 13 -38.15 -13.90 28.90
C ARG D 13 -37.74 -14.24 27.46
N LYS D 14 -37.26 -13.25 26.71
CA LYS D 14 -36.84 -13.51 25.34
C LYS D 14 -35.65 -14.45 25.30
N LEU D 15 -34.70 -14.30 26.24
CA LEU D 15 -33.53 -15.16 26.25
C LEU D 15 -33.90 -16.61 26.53
N VAL D 16 -34.76 -16.84 27.53
CA VAL D 16 -35.17 -18.21 27.84
C VAL D 16 -36.04 -18.78 26.74
N GLU D 17 -36.85 -17.94 26.08
CA GLU D 17 -37.62 -18.40 24.94
C GLU D 17 -36.71 -18.84 23.80
N GLN D 18 -35.65 -18.08 23.54
CA GLN D 18 -34.68 -18.48 22.52
C GLN D 18 -33.98 -19.77 22.90
N LEU D 19 -33.62 -19.91 24.18
CA LEU D 19 -32.97 -21.16 24.62
C LEU D 19 -33.89 -22.35 24.45
N LYS D 20 -35.18 -22.19 24.76
CA LYS D 20 -36.14 -23.28 24.54
C LYS D 20 -36.27 -23.58 23.06
N MET D 21 -36.32 -22.54 22.21
CA MET D 21 -36.35 -22.76 20.78
C MET D 21 -35.09 -23.45 20.28
N GLU D 22 -33.97 -23.25 20.98
CA GLU D 22 -32.71 -23.88 20.62
C GLU D 22 -32.64 -25.35 21.01
N ALA D 23 -33.63 -25.84 21.77
CA ALA D 23 -33.61 -27.22 22.23
C ALA D 23 -34.26 -28.18 21.23
N ASN D 24 -35.49 -27.87 20.80
CA ASN D 24 -36.22 -28.73 19.88
C ASN D 24 -35.63 -28.58 18.48
N ILE D 25 -34.45 -29.16 18.31
CA ILE D 25 -33.71 -29.11 17.05
C ILE D 25 -33.32 -30.53 16.67
N ASP D 26 -33.41 -30.84 15.38
CA ASP D 26 -33.09 -32.18 14.90
C ASP D 26 -31.59 -32.47 14.96
N ARG D 27 -31.15 -33.11 16.03
CA ARG D 27 -29.74 -33.40 16.25
C ARG D 27 -29.30 -34.55 15.35
N ILE D 28 -28.33 -34.27 14.48
CA ILE D 28 -27.75 -35.29 13.61
C ILE D 28 -26.33 -35.56 14.11
N LYS D 29 -25.97 -36.83 14.23
CA LYS D 29 -24.77 -37.20 14.96
C LYS D 29 -23.51 -36.87 14.16
N VAL D 30 -22.38 -36.87 14.86
CA VAL D 30 -21.11 -36.48 14.23
C VAL D 30 -20.67 -37.51 13.19
N SER D 31 -20.82 -38.80 13.48
CA SER D 31 -20.45 -39.83 12.52
C SER D 31 -21.25 -39.73 11.23
N LYS D 32 -22.49 -39.25 11.31
CA LYS D 32 -23.30 -38.98 10.12
C LYS D 32 -22.97 -37.65 9.49
N ALA D 33 -22.21 -36.78 10.16
CA ALA D 33 -21.87 -35.46 9.65
C ALA D 33 -20.44 -35.32 9.19
N ALA D 34 -19.48 -35.99 9.84
CA ALA D 34 -18.11 -35.95 9.35
C ALA D 34 -17.98 -36.69 8.02
N ALA D 35 -18.72 -37.79 7.87
CA ALA D 35 -18.70 -38.54 6.61
C ALA D 35 -19.18 -37.68 5.46
N ASP D 36 -20.11 -36.76 5.71
CA ASP D 36 -20.58 -35.87 4.64
C ASP D 36 -19.45 -35.00 4.11
N LEU D 37 -18.67 -34.39 5.01
CA LEU D 37 -17.55 -33.58 4.58
C LEU D 37 -16.46 -34.42 3.94
N MET D 38 -16.26 -35.65 4.44
CA MET D 38 -15.29 -36.54 3.82
C MET D 38 -15.69 -36.87 2.39
N ALA D 39 -16.97 -37.15 2.17
CA ALA D 39 -17.46 -37.42 0.83
C ALA D 39 -17.33 -36.18 -0.06
N TYR D 40 -17.64 -35.00 0.48
CA TYR D 40 -17.53 -33.78 -0.32
C TYR D 40 -16.09 -33.51 -0.72
N CYS D 41 -15.14 -33.77 0.18
CA CYS D 41 -13.75 -33.55 -0.17
C CYS D 41 -13.20 -34.62 -1.10
N GLU D 42 -13.67 -35.86 -1.00
CA GLU D 42 -13.26 -36.89 -1.96
C GLU D 42 -13.81 -36.60 -3.36
N ALA D 43 -15.07 -36.16 -3.44
CA ALA D 43 -15.70 -35.97 -4.74
C ALA D 43 -15.14 -34.78 -5.51
N HIS D 44 -14.77 -33.70 -4.81
CA HIS D 44 -14.27 -32.49 -5.45
C HIS D 44 -12.76 -32.33 -5.28
N ALA D 45 -12.06 -33.40 -4.91
CA ALA D 45 -10.61 -33.31 -4.72
C ALA D 45 -9.90 -33.00 -6.04
N LYS D 46 -10.34 -33.65 -7.13
CA LYS D 46 -9.66 -33.51 -8.40
C LYS D 46 -9.73 -32.11 -8.97
N GLU D 47 -10.74 -31.33 -8.58
CA GLU D 47 -10.98 -30.03 -9.21
C GLU D 47 -10.31 -28.86 -8.48
N ASP D 48 -9.63 -29.10 -7.38
CA ASP D 48 -8.99 -28.01 -6.64
C ASP D 48 -7.55 -27.81 -7.12
N PRO D 49 -7.21 -26.64 -7.66
CA PRO D 49 -5.82 -26.38 -8.06
C PRO D 49 -4.85 -26.25 -6.90
N LEU D 50 -5.31 -26.14 -5.66
CA LEU D 50 -4.44 -26.05 -4.51
C LEU D 50 -4.13 -27.39 -3.87
N LEU D 51 -5.09 -28.31 -3.83
CA LEU D 51 -4.82 -29.64 -3.31
C LEU D 51 -3.80 -30.37 -4.20
N THR D 52 -3.90 -30.20 -5.50
CA THR D 52 -2.94 -30.77 -6.46
C THR D 52 -2.48 -29.68 -7.41
N PRO D 53 -1.17 -29.52 -7.63
CA PRO D 53 -0.70 -28.45 -8.53
C PRO D 53 -1.24 -28.62 -9.94
N VAL D 54 -1.53 -27.49 -10.58
CA VAL D 54 -2.09 -27.48 -11.94
C VAL D 54 -0.96 -27.23 -12.92
N PRO D 55 -0.98 -27.85 -14.10
CA PRO D 55 0.02 -27.53 -15.12
C PRO D 55 -0.07 -26.06 -15.53
N ALA D 56 1.09 -25.47 -15.80
CA ALA D 56 1.18 -24.05 -16.11
C ALA D 56 0.52 -23.67 -17.43
N SER D 57 0.18 -24.65 -18.27
CA SER D 57 -0.49 -24.33 -19.53
C SER D 57 -1.84 -23.67 -19.29
N GLU D 58 -2.63 -24.20 -18.35
CA GLU D 58 -3.93 -23.64 -18.02
C GLU D 58 -3.89 -22.77 -16.77
N ASN D 59 -2.72 -22.53 -16.21
CA ASN D 59 -2.59 -21.72 -15.00
C ASN D 59 -2.49 -20.25 -15.39
N PRO D 60 -3.43 -19.40 -15.00
CA PRO D 60 -3.41 -18.00 -15.43
C PRO D 60 -2.50 -17.11 -14.60
N PHE D 61 -1.88 -17.61 -13.55
CA PHE D 61 -0.97 -16.82 -12.74
C PHE D 61 0.47 -17.30 -12.87
N THR E 54 66.83 5.34 -9.74
CA THR E 54 66.17 5.15 -8.45
C THR E 54 67.05 5.60 -7.29
N CYS E 55 66.42 6.02 -6.20
CA CYS E 55 67.14 6.51 -5.01
C CYS E 55 66.56 5.81 -3.79
N PRO E 56 66.79 4.50 -3.64
CA PRO E 56 66.13 3.68 -2.60
C PRO E 56 66.80 3.70 -1.22
N MET E 57 66.41 4.67 -0.40
CA MET E 57 66.89 4.72 0.97
C MET E 57 66.07 3.80 1.87
N ASP E 58 66.38 3.83 3.16
CA ASP E 58 65.79 2.87 4.10
C ASP E 58 64.28 3.04 4.20
N GLU E 59 63.56 1.92 4.10
CA GLU E 59 62.12 1.91 4.23
C GLU E 59 61.64 0.74 5.09
N LYS E 60 62.56 0.12 5.84
CA LYS E 60 62.21 -1.06 6.62
C LYS E 60 61.27 -0.71 7.77
N LEU E 61 61.57 0.35 8.52
CA LEU E 61 60.75 0.69 9.68
C LEU E 61 59.37 1.19 9.26
N LEU E 62 59.30 1.96 8.17
CA LEU E 62 58.00 2.43 7.68
C LEU E 62 57.15 1.28 7.16
N SER E 63 57.80 0.25 6.63
CA SER E 63 57.06 -0.92 6.14
C SER E 63 56.28 -1.58 7.26
N THR E 64 56.89 -1.67 8.44
CA THR E 64 56.24 -2.33 9.57
C THR E 64 55.01 -1.55 10.04
N VAL E 65 55.15 -0.23 10.20
CA VAL E 65 54.03 0.57 10.69
C VAL E 65 52.92 0.65 9.64
N LEU E 66 53.29 0.72 8.36
CA LEU E 66 52.28 0.73 7.30
C LEU E 66 51.53 -0.60 7.23
N THR E 67 52.25 -1.72 7.38
CA THR E 67 51.60 -3.02 7.39
C THR E 67 50.69 -3.17 8.60
N THR E 68 51.17 -2.76 9.78
CA THR E 68 50.38 -2.91 11.00
C THR E 68 49.16 -2.00 10.97
N SER E 69 49.33 -0.75 10.56
CA SER E 69 48.22 0.20 10.58
C SER E 69 47.09 -0.25 9.68
N TYR E 70 47.43 -0.72 8.47
CA TYR E 70 46.40 -1.20 7.56
C TYR E 70 45.70 -2.45 8.10
N SER E 71 46.46 -3.36 8.71
CA SER E 71 45.84 -4.57 9.27
C SER E 71 44.94 -4.22 10.45
N VAL E 72 45.29 -3.17 11.21
CA VAL E 72 44.40 -2.69 12.25
C VAL E 72 43.10 -2.17 11.63
N ILE E 73 43.21 -1.45 10.52
CA ILE E 73 42.03 -1.04 9.78
C ILE E 73 41.27 -2.25 9.27
N PHE E 74 42.00 -3.28 8.83
CA PHE E 74 41.37 -4.48 8.30
C PHE E 74 40.47 -5.16 9.34
N ILE E 75 41.02 -5.40 10.52
CA ILE E 75 40.24 -6.11 11.54
C ILE E 75 39.10 -5.23 12.04
N VAL E 76 39.35 -3.94 12.22
CA VAL E 76 38.29 -3.02 12.63
C VAL E 76 37.27 -2.84 11.52
N GLY E 77 37.75 -2.62 10.29
CA GLY E 77 36.83 -2.38 9.19
C GLY E 77 35.98 -3.59 8.84
N LEU E 78 36.57 -4.78 8.88
CA LEU E 78 35.83 -5.98 8.52
C LEU E 78 34.68 -6.22 9.50
N VAL E 79 34.96 -6.19 10.80
CA VAL E 79 33.89 -6.33 11.79
C VAL E 79 32.99 -5.10 11.74
N GLY E 80 33.53 -3.94 11.37
CA GLY E 80 32.73 -2.74 11.32
C GLY E 80 31.67 -2.79 10.24
N ASN E 81 32.05 -3.18 9.03
CA ASN E 81 31.10 -3.17 7.92
C ASN E 81 30.15 -4.36 7.96
N ILE E 82 30.64 -5.54 8.38
CA ILE E 82 29.77 -6.71 8.41
C ILE E 82 28.61 -6.49 9.37
N ILE E 83 28.88 -5.94 10.55
CA ILE E 83 27.79 -5.57 11.44
C ILE E 83 26.97 -4.44 10.82
N ALA E 84 27.63 -3.45 10.23
CA ALA E 84 26.91 -2.35 9.59
C ALA E 84 26.09 -2.83 8.41
N LEU E 85 26.63 -3.74 7.60
CA LEU E 85 25.88 -4.28 6.48
C LEU E 85 24.69 -5.12 6.98
N TYR E 86 24.86 -5.80 8.10
CA TYR E 86 23.78 -6.62 8.63
C TYR E 86 22.63 -5.76 9.14
N VAL E 87 22.94 -4.61 9.73
CA VAL E 87 21.89 -3.77 10.33
C VAL E 87 21.21 -2.86 9.34
N PHE E 88 21.53 -2.94 8.05
CA PHE E 88 20.82 -2.17 7.05
C PHE E 88 19.91 -3.02 6.17
N LEU E 89 20.14 -4.32 6.11
CA LEU E 89 19.25 -5.24 5.41
C LEU E 89 18.59 -6.27 6.34
N GLY E 90 19.25 -6.61 7.45
CA GLY E 90 18.71 -7.61 8.36
C GLY E 90 17.59 -7.10 9.24
N ILE E 91 17.88 -6.10 10.07
CA ILE E 91 16.89 -5.59 11.02
C ILE E 91 16.08 -4.43 10.46
N HIS E 92 16.54 -3.79 9.40
CA HIS E 92 15.86 -2.63 8.82
C HIS E 92 15.15 -3.08 7.54
N ARG E 93 13.92 -3.57 7.71
CA ARG E 93 13.12 -3.96 6.55
C ARG E 93 12.82 -2.76 5.66
N LYS E 94 12.53 -1.61 6.26
CA LYS E 94 12.28 -0.39 5.52
C LYS E 94 13.52 0.48 5.48
N ARG E 95 13.85 0.96 4.29
CA ARG E 95 15.06 1.73 4.05
C ARG E 95 14.71 3.15 3.62
N ASN E 96 15.33 4.12 4.27
CA ASN E 96 15.24 5.52 3.88
C ASN E 96 16.45 5.87 3.02
N SER E 97 16.37 7.04 2.36
CA SER E 97 17.46 7.47 1.49
C SER E 97 18.79 7.49 2.24
N ILE E 98 18.78 7.97 3.49
CA ILE E 98 19.99 7.95 4.30
C ILE E 98 20.38 6.52 4.64
N GLN E 99 19.41 5.66 4.87
CA GLN E 99 19.71 4.25 5.10
C GLN E 99 20.17 3.57 3.82
N ILE E 100 19.85 4.16 2.65
CA ILE E 100 20.34 3.64 1.39
C ILE E 100 21.77 4.12 1.14
N TYR E 101 22.01 5.41 1.33
CA TYR E 101 23.35 5.96 1.13
C TYR E 101 24.34 5.34 2.10
N LEU E 102 23.95 5.22 3.37
CA LEU E 102 24.83 4.58 4.35
C LEU E 102 25.05 3.11 4.01
N LEU E 103 24.08 2.47 3.35
CA LEU E 103 24.24 1.08 2.95
C LEU E 103 25.36 0.93 1.94
N ASN E 104 25.43 1.84 0.96
CA ASN E 104 26.44 1.71 -0.09
C ASN E 104 27.82 2.06 0.42
N VAL E 105 27.92 3.02 1.35
CA VAL E 105 29.20 3.32 1.97
C VAL E 105 29.76 2.09 2.67
N ALA E 106 28.89 1.33 3.33
CA ALA E 106 29.33 0.07 3.94
C ALA E 106 29.82 -0.91 2.88
N ILE E 107 29.08 -1.03 1.77
CA ILE E 107 29.51 -1.91 0.68
C ILE E 107 30.78 -1.37 0.03
N ALA E 108 30.80 -0.08 -0.30
CA ALA E 108 31.95 0.50 -0.97
C ALA E 108 33.21 0.38 -0.12
N ASP E 109 33.08 0.65 1.18
CA ASP E 109 34.25 0.56 2.05
C ASP E 109 34.63 -0.89 2.32
N LEU E 110 33.64 -1.80 2.33
CA LEU E 110 33.94 -3.21 2.56
C LEU E 110 34.97 -3.73 1.57
N LEU E 111 34.88 -3.28 0.32
CA LEU E 111 35.89 -3.66 -0.67
C LEU E 111 37.26 -3.11 -0.31
N LEU E 112 37.32 -1.95 0.34
CA LEU E 112 38.61 -1.35 0.69
C LEU E 112 39.32 -2.17 1.75
N ILE E 113 38.58 -2.66 2.75
CA ILE E 113 39.16 -3.61 3.69
C ILE E 113 39.57 -4.89 2.98
N PHE E 114 38.82 -5.31 1.96
CA PHE E 114 39.22 -6.46 1.17
C PHE E 114 40.51 -6.18 0.40
N CYS E 115 40.74 -4.91 0.03
CA CYS E 115 41.96 -4.56 -0.68
C CYS E 115 43.18 -4.54 0.25
N LEU E 116 42.95 -4.47 1.55
CA LEU E 116 44.07 -4.36 2.50
C LEU E 116 44.99 -5.57 2.49
N PRO E 117 44.50 -6.82 2.57
CA PRO E 117 45.44 -7.96 2.57
C PRO E 117 46.33 -8.03 1.35
N PHE E 118 45.83 -7.62 0.18
CA PHE E 118 46.68 -7.57 -1.00
C PHE E 118 47.75 -6.49 -0.88
N ARG E 119 47.39 -5.34 -0.31
CA ARG E 119 48.35 -4.25 -0.18
C ARG E 119 49.45 -4.59 0.80
N ILE E 120 49.10 -5.15 1.96
CA ILE E 120 50.08 -5.39 3.01
C ILE E 120 51.08 -6.46 2.58
N MET E 121 50.66 -7.39 1.71
CA MET E 121 51.54 -8.46 1.27
C MET E 121 52.79 -7.89 0.60
N TYR E 122 52.64 -6.78 -0.12
CA TYR E 122 53.79 -6.15 -0.75
C TYR E 122 54.75 -5.59 0.27
N HIS E 123 54.24 -4.85 1.27
CA HIS E 123 55.11 -4.16 2.21
C HIS E 123 55.87 -5.12 3.12
N ILE E 124 55.23 -6.19 3.57
CA ILE E 124 55.78 -6.97 4.67
C ILE E 124 56.77 -8.04 4.22
N ASN E 125 56.52 -8.70 3.09
CA ASN E 125 57.37 -9.82 2.68
C ASN E 125 58.79 -9.36 2.35
N GLN E 126 58.94 -8.58 1.28
CA GLN E 126 60.26 -8.08 0.91
C GLN E 126 60.22 -6.67 0.32
N ASN E 127 59.11 -5.96 0.40
CA ASN E 127 58.90 -4.71 -0.33
C ASN E 127 59.10 -4.92 -1.83
N LYS E 128 58.69 -6.09 -2.31
CA LYS E 128 58.71 -6.43 -3.72
C LYS E 128 57.43 -7.17 -4.08
N TRP E 129 56.93 -6.91 -5.30
CA TRP E 129 55.66 -7.44 -5.75
C TRP E 129 55.89 -8.76 -6.47
N THR E 130 55.48 -9.86 -5.85
CA THR E 130 55.69 -11.18 -6.43
C THR E 130 54.70 -11.49 -7.56
N LEU E 131 53.51 -10.90 -7.51
CA LEU E 131 52.48 -11.22 -8.49
C LEU E 131 52.71 -10.45 -9.79
N GLY E 132 51.77 -10.60 -10.72
CA GLY E 132 51.89 -9.94 -12.01
C GLY E 132 51.50 -8.47 -11.95
N VAL E 133 51.83 -7.76 -13.04
CA VAL E 133 51.49 -6.35 -13.14
C VAL E 133 49.98 -6.15 -13.19
N ILE E 134 49.24 -7.16 -13.67
CA ILE E 134 47.79 -7.03 -13.77
C ILE E 134 47.18 -6.87 -12.38
N LEU E 135 47.56 -7.74 -11.44
CA LEU E 135 47.01 -7.66 -10.10
C LEU E 135 47.49 -6.41 -9.37
N CYS E 136 48.72 -5.97 -9.66
CA CYS E 136 49.23 -4.74 -9.09
C CYS E 136 48.40 -3.54 -9.51
N LYS E 137 48.05 -3.47 -10.80
CA LYS E 137 47.28 -2.34 -11.29
C LYS E 137 45.82 -2.45 -10.91
N VAL E 138 45.34 -3.66 -10.63
CA VAL E 138 43.95 -3.83 -10.20
C VAL E 138 43.77 -3.32 -8.78
N VAL E 139 44.52 -3.90 -7.83
CA VAL E 139 44.37 -3.53 -6.43
C VAL E 139 44.75 -2.06 -6.21
N GLY E 140 45.82 -1.61 -6.87
CA GLY E 140 46.24 -0.23 -6.72
C GLY E 140 45.24 0.78 -7.24
N THR E 141 44.34 0.37 -8.13
CA THR E 141 43.30 1.25 -8.64
C THR E 141 41.94 0.94 -8.04
N LEU E 142 41.69 -0.31 -7.66
CA LEU E 142 40.46 -0.63 -6.92
C LEU E 142 40.45 0.04 -5.55
N PHE E 143 41.61 0.17 -4.91
CA PHE E 143 41.69 0.82 -3.61
C PHE E 143 41.22 2.27 -3.69
N TYR E 144 41.65 3.00 -4.73
CA TYR E 144 41.32 4.41 -4.81
C TYR E 144 39.85 4.62 -5.17
N MET E 145 39.21 3.63 -5.81
CA MET E 145 37.80 3.77 -6.15
C MET E 145 36.95 3.83 -4.89
N ASN E 146 37.22 2.95 -3.94
CA ASN E 146 36.48 2.94 -2.68
C ASN E 146 36.66 4.26 -1.93
N MET E 147 37.88 4.82 -1.99
CA MET E 147 38.14 6.08 -1.33
C MET E 147 37.27 7.20 -1.91
N TYR E 148 37.12 7.25 -3.23
CA TYR E 148 36.41 8.36 -3.83
C TYR E 148 34.92 8.07 -4.05
N ILE E 149 34.51 6.81 -4.03
CA ILE E 149 33.08 6.51 -3.95
C ILE E 149 32.55 6.86 -2.57
N SER E 150 33.31 6.53 -1.53
CA SER E 150 32.89 6.85 -0.17
C SER E 150 32.74 8.35 0.02
N ILE E 151 33.71 9.12 -0.49
CA ILE E 151 33.65 10.57 -0.34
C ILE E 151 32.43 11.13 -1.03
N ILE E 152 32.13 10.69 -2.26
CA ILE E 152 30.99 11.24 -2.98
C ILE E 152 29.68 10.76 -2.36
N LEU E 153 29.67 9.57 -1.76
CA LEU E 153 28.48 9.14 -1.05
C LEU E 153 28.32 9.86 0.28
N LEU E 154 29.42 10.11 0.99
CA LEU E 154 29.34 10.87 2.24
C LEU E 154 28.83 12.28 1.98
N GLY E 155 29.18 12.86 0.83
CA GLY E 155 28.62 14.14 0.47
C GLY E 155 27.14 14.07 0.16
N PHE E 156 26.66 12.90 -0.24
CA PHE E 156 25.23 12.73 -0.48
C PHE E 156 24.47 12.57 0.83
N ILE E 157 25.07 11.92 1.82
CA ILE E 157 24.44 11.86 3.15
C ILE E 157 24.32 13.25 3.74
N SER E 158 25.39 14.05 3.63
CA SER E 158 25.37 15.40 4.18
C SER E 158 24.34 16.26 3.47
N LEU E 159 24.11 16.00 2.18
CA LEU E 159 23.18 16.83 1.43
C LEU E 159 21.73 16.61 1.89
N ASP E 160 21.32 15.35 2.02
CA ASP E 160 19.93 15.09 2.41
C ASP E 160 19.67 15.48 3.85
N ARG E 161 20.63 15.24 4.74
CA ARG E 161 20.48 15.65 6.14
C ARG E 161 20.24 17.15 6.24
N TYR E 162 20.77 17.92 5.28
CA TYR E 162 20.43 19.33 5.19
C TYR E 162 18.98 19.53 4.76
N ILE E 163 18.55 18.82 3.73
CA ILE E 163 17.21 19.06 3.19
C ILE E 163 16.15 18.32 3.99
N LYS E 164 16.54 17.38 4.85
CA LYS E 164 15.56 16.66 5.65
C LYS E 164 15.34 17.32 7.00
N ILE E 165 16.24 18.21 7.40
CA ILE E 165 16.18 18.79 8.74
C ILE E 165 15.97 20.30 8.68
N ASN E 166 16.92 21.01 8.07
CA ASN E 166 16.91 22.48 8.16
C ASN E 166 15.76 23.07 7.36
N ARG E 167 15.57 22.65 6.12
CA ARG E 167 14.57 23.25 5.26
C ARG E 167 13.28 22.45 5.17
N SER E 168 13.28 21.19 5.58
CA SER E 168 12.08 20.38 5.53
C SER E 168 11.03 20.93 6.49
N ILE E 169 9.80 21.02 6.02
CA ILE E 169 8.70 21.53 6.85
C ILE E 169 8.02 20.40 7.62
N GLN E 170 7.44 19.44 6.91
CA GLN E 170 6.73 18.32 7.52
C GLN E 170 7.45 17.01 7.26
N GLN E 171 7.59 16.62 6.00
CA GLN E 171 8.21 15.36 5.58
C GLN E 171 8.54 15.48 4.10
N ARG E 172 9.02 14.38 3.51
CA ARG E 172 9.17 14.25 2.07
C ARG E 172 8.47 13.00 1.55
N LYS E 173 7.54 12.43 2.31
CA LYS E 173 6.72 11.29 1.93
C LYS E 173 7.55 10.02 1.68
N ALA E 174 8.83 10.05 2.05
CA ALA E 174 9.73 8.90 1.89
C ALA E 174 9.75 8.41 0.44
N ILE E 175 9.69 9.37 -0.50
CA ILE E 175 9.73 9.05 -1.92
C ILE E 175 11.14 9.32 -2.43
N THR E 176 12.03 9.74 -1.53
CA THR E 176 13.42 9.96 -1.90
C THR E 176 14.20 8.67 -2.03
N THR E 177 13.68 7.55 -1.52
CA THR E 177 14.36 6.27 -1.67
C THR E 177 14.34 5.80 -3.12
N LYS E 178 13.40 6.29 -3.91
CA LYS E 178 13.35 5.95 -5.33
C LYS E 178 14.59 6.45 -6.04
N GLN E 179 14.79 7.78 -6.04
CA GLN E 179 15.97 8.34 -6.69
C GLN E 179 17.23 8.10 -5.89
N SER E 180 17.13 7.66 -4.64
CA SER E 180 18.32 7.29 -3.87
C SER E 180 19.03 6.12 -4.52
N ILE E 181 18.28 5.10 -4.91
CA ILE E 181 18.87 3.95 -5.59
C ILE E 181 19.41 4.38 -6.95
N TYR E 182 18.68 5.26 -7.64
CA TYR E 182 19.13 5.75 -8.94
C TYR E 182 20.46 6.49 -8.81
N VAL E 183 20.57 7.35 -7.79
CA VAL E 183 21.80 8.11 -7.58
C VAL E 183 22.95 7.19 -7.23
N CYS E 184 22.71 6.23 -6.33
CA CYS E 184 23.76 5.29 -5.95
C CYS E 184 24.18 4.44 -7.14
N CYS E 185 23.22 3.99 -7.96
CA CYS E 185 23.56 3.23 -9.15
C CYS E 185 24.30 4.11 -10.16
N ILE E 186 23.88 5.37 -10.31
CA ILE E 186 24.59 6.28 -11.20
C ILE E 186 26.03 6.45 -10.73
N VAL E 187 26.21 6.71 -9.44
CA VAL E 187 27.56 6.92 -8.92
C VAL E 187 28.41 5.67 -9.08
N TRP E 188 27.84 4.50 -8.77
CA TRP E 188 28.60 3.25 -8.89
C TRP E 188 29.02 2.99 -10.33
N MET E 189 28.09 3.12 -11.27
CA MET E 189 28.41 2.82 -12.66
C MET E 189 29.42 3.80 -13.24
N LEU E 190 29.23 5.10 -12.99
CA LEU E 190 30.20 6.08 -13.46
C LEU E 190 31.57 5.86 -12.83
N ALA E 191 31.60 5.50 -11.54
CA ALA E 191 32.87 5.21 -10.89
C ALA E 191 33.57 4.01 -11.53
N LEU E 192 32.81 2.97 -11.85
CA LEU E 192 33.39 1.82 -12.56
C LEU E 192 33.87 2.23 -13.94
N GLY E 193 33.22 3.20 -14.56
CA GLY E 193 33.68 3.70 -15.84
C GLY E 193 35.07 4.30 -15.75
N GLY E 194 35.30 5.12 -14.72
CA GLY E 194 36.63 5.65 -14.50
C GLY E 194 37.64 4.59 -14.12
N PHE E 195 37.21 3.59 -13.33
CA PHE E 195 38.11 2.54 -12.90
C PHE E 195 38.62 1.73 -14.09
N LEU E 196 37.71 1.28 -14.96
CA LEU E 196 38.14 0.47 -16.09
C LEU E 196 38.88 1.31 -17.12
N THR E 197 38.58 2.59 -17.22
CA THR E 197 39.22 3.44 -18.22
C THR E 197 40.70 3.62 -17.92
N MET E 198 41.03 4.00 -16.68
CA MET E 198 42.44 4.19 -16.32
C MET E 198 43.22 2.88 -16.38
N ILE E 199 42.61 1.77 -15.98
CA ILE E 199 43.36 0.53 -15.85
C ILE E 199 43.75 -0.01 -17.22
N ILE E 200 42.98 0.31 -18.26
CA ILE E 200 43.33 -0.18 -19.59
C ILE E 200 44.27 0.79 -20.31
N LEU E 201 44.15 2.09 -20.06
CA LEU E 201 45.12 3.03 -20.63
C LEU E 201 46.46 2.98 -19.92
N THR E 202 46.58 2.20 -18.84
CA THR E 202 47.87 2.00 -18.20
C THR E 202 48.47 0.64 -18.54
N LEU E 203 47.68 -0.42 -18.40
CA LEU E 203 48.19 -1.78 -18.61
C LEU E 203 48.65 -1.98 -20.05
N LYS E 204 47.89 -1.45 -21.02
CA LYS E 204 48.21 -1.64 -22.43
C LYS E 204 48.93 -0.44 -23.04
N LYS E 205 48.37 0.76 -22.90
CA LYS E 205 49.00 1.95 -23.46
C LYS E 205 50.33 2.25 -22.79
N GLY E 206 50.41 2.12 -21.47
CA GLY E 206 51.66 2.34 -20.78
C GLY E 206 52.68 1.25 -21.05
N GLY E 207 53.94 1.66 -21.11
CA GLY E 207 55.01 0.72 -21.43
C GLY E 207 55.97 0.43 -20.31
N HIS E 208 55.89 1.21 -19.22
CA HIS E 208 56.80 1.05 -18.09
C HIS E 208 56.14 0.18 -17.02
N ASN E 209 56.71 -1.00 -16.80
CA ASN E 209 56.28 -1.89 -15.73
C ASN E 209 57.53 -2.53 -15.12
N SER E 210 57.40 -3.02 -13.90
CA SER E 210 58.53 -3.61 -13.20
C SER E 210 58.01 -4.58 -12.15
N THR E 211 58.90 -5.00 -11.26
CA THR E 211 58.61 -6.04 -10.28
C THR E 211 58.17 -5.49 -8.92
N MET E 212 58.01 -4.18 -8.78
CA MET E 212 57.55 -3.58 -7.54
C MET E 212 56.25 -2.84 -7.78
N CYS E 213 55.42 -2.79 -6.74
CA CYS E 213 54.10 -2.20 -6.80
C CYS E 213 53.97 -1.13 -5.73
N PHE E 214 53.06 -0.18 -5.96
CA PHE E 214 52.74 0.92 -5.08
C PHE E 214 53.90 1.91 -4.91
N HIS E 215 55.03 1.67 -5.57
CA HIS E 215 56.21 2.51 -5.40
C HIS E 215 55.96 3.89 -6.03
N TYR E 216 56.83 4.84 -5.66
CA TYR E 216 56.78 6.15 -6.27
C TYR E 216 57.28 6.08 -7.71
N ARG E 217 56.36 6.22 -8.66
CA ARG E 217 56.70 6.26 -10.08
C ARG E 217 56.15 7.55 -10.67
N ASP E 218 57.04 8.35 -11.26
CA ASP E 218 56.65 9.64 -11.80
C ASP E 218 55.68 9.47 -12.97
N LYS E 219 54.93 10.53 -13.25
CA LYS E 219 53.86 10.50 -14.25
C LYS E 219 54.29 11.12 -15.58
N HIS E 220 55.59 11.28 -15.81
CA HIS E 220 56.06 11.86 -17.07
C HIS E 220 55.70 10.99 -18.27
N ASN E 221 55.64 9.67 -18.09
CA ASN E 221 55.31 8.78 -19.19
C ASN E 221 53.86 8.89 -19.64
N ALA E 222 52.94 9.12 -18.71
CA ALA E 222 51.52 9.23 -19.05
C ALA E 222 50.95 10.41 -18.26
N LYS E 223 50.91 11.57 -18.92
CA LYS E 223 50.43 12.79 -18.26
C LYS E 223 48.93 12.72 -18.01
N GLY E 224 48.22 11.78 -18.64
CA GLY E 224 46.78 11.71 -18.47
C GLY E 224 46.38 11.45 -17.03
N GLU E 225 47.08 10.53 -16.36
CA GLU E 225 46.77 10.25 -14.96
C GLU E 225 47.06 11.46 -14.07
N ALA E 226 48.19 12.12 -14.30
CA ALA E 226 48.57 13.27 -13.47
C ALA E 226 47.57 14.40 -13.61
N ILE E 227 47.15 14.69 -14.85
CA ILE E 227 46.11 15.69 -15.06
C ILE E 227 44.80 15.23 -14.48
N PHE E 228 44.49 13.94 -14.60
CA PHE E 228 43.24 13.41 -14.06
C PHE E 228 43.21 13.53 -12.54
N ASN E 229 44.35 13.29 -11.88
CA ASN E 229 44.39 13.43 -10.42
C ASN E 229 44.07 14.85 -9.99
N PHE E 230 44.67 15.85 -10.65
CA PHE E 230 44.37 17.23 -10.32
C PHE E 230 42.90 17.54 -10.55
N ILE E 231 42.32 16.99 -11.61
CA ILE E 231 40.88 17.08 -11.80
C ILE E 231 40.15 16.37 -10.68
N LEU E 232 40.66 15.22 -10.26
CA LEU E 232 39.97 14.42 -9.25
C LEU E 232 40.11 15.03 -7.86
N VAL E 233 41.22 15.72 -7.58
CA VAL E 233 41.41 16.31 -6.27
C VAL E 233 40.48 17.51 -6.08
N VAL E 234 40.37 18.37 -7.09
CA VAL E 234 39.62 19.61 -6.92
C VAL E 234 38.14 19.32 -6.67
N MET E 235 37.60 18.27 -7.29
CA MET E 235 36.20 17.94 -7.05
C MET E 235 35.97 17.45 -5.63
N PHE E 236 37.01 16.88 -4.99
CA PHE E 236 36.90 16.52 -3.59
C PHE E 236 36.70 17.76 -2.72
N TRP E 237 37.50 18.81 -2.96
CA TRP E 237 37.37 20.03 -2.17
C TRP E 237 36.00 20.65 -2.33
N LEU E 238 35.44 20.59 -3.54
CA LEU E 238 34.07 21.06 -3.75
C LEU E 238 33.08 20.22 -2.93
N ILE E 239 33.26 18.90 -2.91
CA ILE E 239 32.42 18.06 -2.07
C ILE E 239 32.67 18.37 -0.60
N PHE E 240 33.94 18.53 -0.21
CA PHE E 240 34.25 18.86 1.18
C PHE E 240 33.63 20.19 1.58
N LEU E 241 33.55 21.14 0.66
CA LEU E 241 32.86 22.40 0.95
C LEU E 241 31.39 22.14 1.23
N LEU E 242 30.77 21.23 0.47
CA LEU E 242 29.36 20.91 0.70
C LEU E 242 29.16 20.30 2.08
N ILE E 243 30.03 19.38 2.49
CA ILE E 243 29.88 18.73 3.78
C ILE E 243 30.08 19.73 4.92
N ILE E 244 31.11 20.57 4.83
CA ILE E 244 31.34 21.56 5.87
C ILE E 244 30.23 22.61 5.88
N LEU E 245 29.70 22.95 4.71
CA LEU E 245 28.58 23.88 4.65
C LEU E 245 27.33 23.26 5.26
N SER E 246 27.12 21.96 5.04
CA SER E 246 25.92 21.31 5.53
C SER E 246 25.94 21.19 7.05
N TYR E 247 26.91 20.46 7.60
CA TYR E 247 26.93 20.18 9.03
C TYR E 247 27.09 21.43 9.89
N ILE E 248 27.76 22.47 9.39
CA ILE E 248 27.79 23.73 10.13
C ILE E 248 26.40 24.33 10.21
N LYS E 249 25.67 24.33 9.10
CA LYS E 249 24.32 24.88 9.11
C LYS E 249 23.36 24.01 9.92
N ILE E 250 23.53 22.69 9.87
CA ILE E 250 22.70 21.82 10.71
C ILE E 250 22.96 22.10 12.18
N GLY E 251 24.22 22.24 12.57
CA GLY E 251 24.52 22.54 13.96
C GLY E 251 24.01 23.89 14.38
N LYS E 252 24.15 24.90 13.52
CA LYS E 252 23.68 26.24 13.85
C LYS E 252 22.16 26.28 13.97
N ASN E 253 21.45 25.59 13.09
CA ASN E 253 19.99 25.62 13.11
C ASN E 253 19.44 24.91 14.34
N LEU E 254 19.99 23.75 14.69
CA LEU E 254 19.57 23.07 15.91
C LEU E 254 20.10 23.76 17.16
N LEU E 255 21.10 24.65 17.00
CA LEU E 255 21.55 25.44 18.13
C LEU E 255 20.49 26.46 18.54
N ARG E 256 19.88 27.12 17.56
CA ARG E 256 18.88 28.13 17.87
C ARG E 256 17.56 27.50 18.29
N ILE E 257 17.30 26.27 17.84
CA ILE E 257 16.09 25.56 18.28
C ILE E 257 16.14 25.32 19.78
N SER E 258 17.29 24.85 20.28
CA SER E 258 17.43 24.64 21.72
C SER E 258 17.52 25.96 22.47
N LYS E 259 17.90 27.04 21.78
CA LYS E 259 17.98 28.35 22.44
C LYS E 259 16.60 28.86 22.79
N ARG E 260 15.64 28.74 21.87
CA ARG E 260 14.29 29.20 22.13
C ARG E 260 13.66 28.44 23.29
N ARG E 261 13.77 27.11 23.27
CA ARG E 261 13.23 26.22 24.31
C ARG E 261 11.77 26.59 24.60
N SER E 262 10.97 26.64 23.53
CA SER E 262 9.56 26.91 23.68
C SER E 262 8.86 25.79 24.44
N LYS E 263 9.46 24.60 24.43
CA LYS E 263 8.87 23.42 25.02
C LYS E 263 9.87 22.78 25.98
N PHE E 264 9.45 22.58 27.23
CA PHE E 264 10.33 22.00 28.24
C PHE E 264 10.73 20.56 27.94
N PRO E 265 9.83 19.64 27.60
CA PRO E 265 10.23 18.23 27.51
C PRO E 265 11.30 17.99 26.44
N ASN E 266 12.21 17.06 26.77
CA ASN E 266 13.26 16.55 25.90
C ASN E 266 13.89 17.59 24.99
N SER E 267 14.24 18.75 25.55
CA SER E 267 15.01 19.74 24.80
C SER E 267 16.50 19.42 24.77
N GLY E 268 16.96 18.46 25.59
CA GLY E 268 18.36 18.11 25.64
C GLY E 268 18.84 17.26 24.48
N LYS E 269 17.92 16.67 23.72
CA LYS E 269 18.34 15.89 22.55
C LYS E 269 18.81 16.82 21.43
N TYR E 270 18.24 18.03 21.36
CA TYR E 270 18.65 18.98 20.33
C TYR E 270 20.10 19.40 20.51
N ALA E 271 20.53 19.62 21.76
CA ALA E 271 21.93 19.95 22.02
C ALA E 271 22.83 18.78 21.64
N THR E 272 22.43 17.56 21.96
CA THR E 272 23.21 16.39 21.59
C THR E 272 23.32 16.26 20.07
N THR E 273 22.20 16.39 19.37
CA THR E 273 22.23 16.31 17.92
C THR E 273 23.00 17.48 17.31
N ALA E 274 22.99 18.63 17.99
CA ALA E 274 23.78 19.76 17.52
C ALA E 274 25.27 19.43 17.55
N ARG E 275 25.75 18.81 18.63
CA ARG E 275 27.15 18.43 18.70
C ARG E 275 27.46 17.28 17.75
N ASN E 276 26.53 16.33 17.60
CA ASN E 276 26.77 15.18 16.75
C ASN E 276 26.95 15.60 15.29
N SER E 277 26.26 16.67 14.89
CA SER E 277 26.47 17.21 13.54
C SER E 277 27.90 17.71 13.37
N PHE E 278 28.51 18.17 14.47
CA PHE E 278 29.89 18.63 14.41
C PHE E 278 30.87 17.47 14.58
N ILE E 279 30.52 16.47 15.36
CA ILE E 279 31.44 15.36 15.63
C ILE E 279 31.76 14.61 14.34
N VAL E 280 30.73 14.30 13.55
CA VAL E 280 30.96 13.58 12.31
C VAL E 280 31.64 14.46 11.28
N LEU E 281 31.39 15.77 11.30
CA LEU E 281 32.11 16.68 10.41
C LEU E 281 33.60 16.71 10.73
N ILE E 282 33.94 16.77 12.02
CA ILE E 282 35.35 16.89 12.39
C ILE E 282 36.13 15.64 12.00
N ILE E 283 35.55 14.46 12.21
CA ILE E 283 36.25 13.23 11.88
C ILE E 283 36.48 13.12 10.38
N PHE E 284 35.52 13.57 9.58
CA PHE E 284 35.75 13.66 8.15
C PHE E 284 36.82 14.70 7.82
N THR E 285 36.89 15.78 8.60
CA THR E 285 37.85 16.83 8.31
C THR E 285 39.27 16.41 8.66
N ILE E 286 39.45 15.63 9.72
CA ILE E 286 40.82 15.27 10.10
C ILE E 286 41.34 14.13 9.23
N CYS E 287 40.46 13.28 8.71
CA CYS E 287 40.90 12.10 7.99
C CYS E 287 41.05 12.33 6.49
N PHE E 288 40.63 13.47 5.96
CA PHE E 288 40.65 13.63 4.51
C PHE E 288 41.30 14.94 4.08
N VAL E 289 41.20 15.98 4.88
CA VAL E 289 41.79 17.28 4.53
C VAL E 289 43.31 17.18 4.47
N PRO E 290 44.00 16.53 5.43
CA PRO E 290 45.47 16.43 5.30
C PRO E 290 45.92 15.79 3.99
N TYR E 291 45.25 14.72 3.55
CA TYR E 291 45.70 14.02 2.35
C TYR E 291 45.55 14.90 1.11
N HIS E 292 44.37 15.47 0.91
CA HIS E 292 44.12 16.22 -0.31
C HIS E 292 44.74 17.60 -0.30
N ALA E 293 45.24 18.07 0.84
CA ALA E 293 46.00 19.31 0.86
C ALA E 293 47.40 19.16 0.29
N PHE E 294 48.02 18.00 0.50
CA PHE E 294 49.36 17.74 0.00
C PHE E 294 49.37 17.16 -1.41
N ARG E 295 48.21 16.70 -1.90
CA ARG E 295 48.16 16.09 -3.22
C ARG E 295 48.47 17.10 -4.32
N PHE E 296 48.27 18.39 -4.06
CA PHE E 296 48.65 19.41 -5.03
C PHE E 296 50.15 19.40 -5.27
N ILE E 297 50.94 19.37 -4.19
CA ILE E 297 52.39 19.29 -4.33
C ILE E 297 52.80 17.92 -4.85
N TYR E 298 52.11 16.86 -4.42
CA TYR E 298 52.42 15.52 -4.89
C TYR E 298 52.24 15.42 -6.41
N ILE E 299 51.15 15.98 -6.93
CA ILE E 299 50.94 15.99 -8.37
C ILE E 299 52.01 16.81 -9.07
N SER E 300 52.34 17.98 -8.51
CA SER E 300 53.35 18.84 -9.13
C SER E 300 54.71 18.14 -9.18
N SER E 301 55.01 17.32 -8.19
CA SER E 301 56.27 16.57 -8.20
C SER E 301 56.28 15.53 -9.32
N GLN E 302 55.12 15.11 -9.80
CA GLN E 302 55.05 14.12 -10.86
C GLN E 302 55.29 14.72 -12.25
N LEU E 303 55.24 16.04 -12.39
CA LEU E 303 55.32 16.68 -13.69
C LEU E 303 56.48 17.68 -13.74
N ASN E 304 57.56 17.40 -13.01
CA ASN E 304 58.73 18.26 -13.05
C ASN E 304 59.94 17.45 -12.57
N VAL E 305 61.12 17.94 -12.92
CA VAL E 305 62.36 17.33 -12.45
C VAL E 305 62.57 17.68 -10.99
N SER E 306 63.15 16.76 -10.22
CA SER E 306 63.40 16.98 -8.81
C SER E 306 64.47 16.02 -8.34
N SER E 307 65.08 16.37 -7.21
CA SER E 307 66.06 15.49 -6.57
C SER E 307 65.35 14.29 -5.95
N CYS E 308 66.13 13.23 -5.69
CA CYS E 308 65.52 12.01 -5.16
C CYS E 308 65.14 12.17 -3.69
N TYR E 309 65.88 12.98 -2.94
CA TYR E 309 65.53 13.21 -1.54
C TYR E 309 64.16 13.87 -1.42
N TRP E 310 63.86 14.84 -2.29
CA TRP E 310 62.54 15.45 -2.29
C TRP E 310 61.47 14.45 -2.67
N LYS E 311 61.76 13.56 -3.62
CA LYS E 311 60.79 12.54 -4.01
C LYS E 311 60.48 11.61 -2.84
N GLU E 312 61.51 11.26 -2.05
CA GLU E 312 61.32 10.27 -1.00
C GLU E 312 60.38 10.77 0.09
N ILE E 313 60.63 11.98 0.60
CA ILE E 313 59.77 12.53 1.65
C ILE E 313 58.37 12.77 1.11
N VAL E 314 58.27 13.10 -0.17
CA VAL E 314 56.95 13.19 -0.82
C VAL E 314 56.29 11.82 -0.86
N HIS E 315 57.05 10.80 -1.22
CA HIS E 315 56.54 9.43 -1.15
C HIS E 315 56.34 8.98 0.29
N LYS E 316 57.24 9.42 1.18
CA LYS E 316 57.16 9.01 2.57
C LYS E 316 55.87 9.46 3.22
N THR E 317 55.47 10.72 2.98
CA THR E 317 54.25 11.24 3.59
C THR E 317 53.01 10.56 3.02
N ASN E 318 52.99 10.34 1.70
CA ASN E 318 51.77 9.86 1.03
C ASN E 318 51.30 8.54 1.61
N GLU E 319 52.23 7.63 1.91
CA GLU E 319 51.84 6.35 2.50
C GLU E 319 51.22 6.55 3.87
N ILE E 320 51.74 7.52 4.64
CA ILE E 320 51.18 7.82 5.95
C ILE E 320 49.82 8.47 5.82
N MET E 321 49.67 9.37 4.83
CA MET E 321 48.41 10.07 4.65
C MET E 321 47.27 9.10 4.35
N LEU E 322 47.53 8.08 3.54
CA LEU E 322 46.52 7.06 3.25
C LEU E 322 46.12 6.29 4.49
N VAL E 323 47.00 6.21 5.49
CA VAL E 323 46.62 5.59 6.76
C VAL E 323 45.49 6.39 7.39
N LEU E 324 45.58 7.72 7.33
CA LEU E 324 44.50 8.57 7.82
C LEU E 324 43.27 8.48 6.92
N SER E 325 43.47 8.50 5.61
CA SER E 325 42.34 8.50 4.67
C SER E 325 41.56 7.19 4.75
N SER E 326 42.27 6.06 4.85
CA SER E 326 41.58 4.79 4.99
C SER E 326 41.08 4.56 6.40
N PHE E 327 41.53 5.40 7.35
CA PHE E 327 41.06 5.28 8.72
C PHE E 327 39.58 5.65 8.84
N ASN E 328 39.11 6.55 7.98
CA ASN E 328 37.69 6.92 7.99
C ASN E 328 36.81 5.74 7.60
N SER E 329 37.21 5.00 6.56
CA SER E 329 36.35 3.96 6.00
C SER E 329 36.04 2.87 7.03
N CYS E 330 36.91 2.67 8.01
CA CYS E 330 36.62 1.74 9.08
C CYS E 330 35.93 2.41 10.26
N LEU E 331 36.01 3.73 10.37
CA LEU E 331 35.40 4.43 11.49
C LEU E 331 33.96 4.84 11.20
N ASP E 332 33.61 4.99 9.92
CA ASP E 332 32.25 5.41 9.56
C ASP E 332 31.18 4.45 10.02
N PRO E 333 31.33 3.12 9.90
CA PRO E 333 30.34 2.22 10.52
C PRO E 333 30.20 2.46 12.02
N VAL E 334 31.29 2.76 12.72
CA VAL E 334 31.22 3.06 14.14
C VAL E 334 30.41 4.32 14.38
N MET E 335 30.52 5.30 13.48
CA MET E 335 29.75 6.53 13.60
C MET E 335 28.26 6.26 13.71
N TYR E 336 27.71 5.49 12.77
CA TYR E 336 26.28 5.23 12.77
C TYR E 336 25.88 4.37 13.96
N PHE E 337 26.76 3.50 14.43
CA PHE E 337 26.47 2.71 15.62
C PHE E 337 26.29 3.60 16.84
N LEU E 338 27.12 4.62 16.97
CA LEU E 338 27.10 5.47 18.16
C LEU E 338 26.06 6.58 18.04
N MET E 339 25.95 7.20 16.86
CA MET E 339 25.08 8.35 16.70
C MET E 339 23.59 7.98 16.82
N SER E 340 23.17 6.88 16.21
CA SER E 340 21.76 6.54 16.15
C SER E 340 21.26 6.12 17.53
N SER E 341 20.09 6.64 17.90
CA SER E 341 19.52 6.31 19.21
C SER E 341 19.18 4.83 19.32
N ASN E 342 18.54 4.29 18.28
CA ASN E 342 18.12 2.89 18.33
C ASN E 342 19.32 1.95 18.37
N ILE E 343 20.33 2.24 17.55
CA ILE E 343 21.50 1.36 17.50
C ILE E 343 22.32 1.47 18.78
N ARG E 344 22.46 2.69 19.32
CA ARG E 344 23.24 2.87 20.53
C ARG E 344 22.63 2.10 21.70
N LYS E 345 21.30 2.11 21.82
CA LYS E 345 20.65 1.37 22.89
C LYS E 345 20.90 -0.13 22.76
N ILE E 346 20.77 -0.67 21.54
CA ILE E 346 20.92 -2.11 21.34
C ILE E 346 22.34 -2.55 21.67
N MET E 347 23.33 -1.80 21.19
CA MET E 347 24.72 -2.14 21.49
C MET E 347 25.01 -2.04 22.97
N CYS E 348 24.48 -1.01 23.63
CA CYS E 348 24.71 -0.84 25.07
C CYS E 348 24.04 -1.94 25.89
N GLN E 349 22.79 -2.29 25.54
CA GLN E 349 22.05 -3.24 26.35
C GLN E 349 22.53 -4.68 26.15
N LEU E 350 23.02 -5.01 24.94
CA LEU E 350 23.58 -6.34 24.74
C LEU E 350 24.99 -6.45 25.32
N LEU E 351 25.63 -5.31 25.59
CA LEU E 351 26.96 -5.30 26.19
C LEU E 351 26.91 -4.69 27.59
#